data_4N60
#
_entry.id   4N60
#
_cell.length_a   154.772
_cell.length_b   154.772
_cell.length_c   154.772
_cell.angle_alpha   90.00
_cell.angle_beta   90.00
_cell.angle_gamma   90.00
#
_symmetry.space_group_name_H-M   'P 21 3'
#
loop_
_entity.id
_entity.type
_entity.pdbx_description
1 polymer 'Hemagglutinin HA1'
2 polymer 'Hemagglutinin HA2'
3 branched beta-D-mannopyranose-(1-4)-2-acetamido-2-deoxy-beta-D-glucopyranose-(1-4)-2-acetamido-2-deoxy-beta-D-glucopyranose
4 branched 'N-acetyl-alpha-neuraminic acid-(2-6)-beta-D-galactopyranose'
5 non-polymer 2-acetamido-2-deoxy-beta-D-glucopyranose
6 water water
#
loop_
_entity_poly.entity_id
_entity_poly.type
_entity_poly.pdbx_seq_one_letter_code
_entity_poly.pdbx_strand_id
1 'polypeptide(L)'
;DKICLGHHAVSNGTKVNTLTERGVEVVNATETVERTNIPRICSKGKRTVDLGQCGLLGTITGPPQCDQFLEFSADLIIER
REGSDVCYPGKFVNEEALRQILRESGGIDKEAMGFTYSGIRTNGATSACRRSGSSFYAEMKWLLSNTDNAAFPQMTKSYK
NTRKSPALIVWGIHHSVSTAEQTKLYGSGNKLVTVGSSNYQQSFVPSPGARPQVNGLSGRIDFHWLMLNPNDTVTFSFNG
AFIAPDRASFLRGKSMGIQSGVQVDANCEGDCYHSGGTIISNLPFQNIDSRAVGKCPRYVKQRSLLLATGMKNVPEIPKG
R
;
A,C
2 'polypeptide(L)'
;GLFGAIAGFIENGWEGLIDGWYGFRHQNAQGEGTAADYKSTQSAIDQITGKLNRLIEKTNQQFELIDNEFNEVEKQIGNV
INWTRDSITEVWSYNAELLVAMENQHTIDLADSEMDKLYERVKRQLRENAEEDGTGCFEIFHKCDDDCMASIRNNTYDHS
KYREEAMQNRIQSGRLVPR
;
B,D
#
loop_
_chem_comp.id
_chem_comp.type
_chem_comp.name
_chem_comp.formula
BMA D-saccharide, beta linking beta-D-mannopyranose 'C6 H12 O6'
GAL D-saccharide, beta linking beta-D-galactopyranose 'C6 H12 O6'
NAG D-saccharide, beta linking 2-acetamido-2-deoxy-beta-D-glucopyranose 'C8 H15 N O6'
SIA D-saccharide, alpha linking 'N-acetyl-alpha-neuraminic acid' 'C11 H19 N O9'
#
# COMPACT_ATOMS: atom_id res chain seq x y z
N ASP A 1 0.19 -7.32 -55.24
CA ASP A 1 0.94 -6.44 -54.36
C ASP A 1 -0.01 -5.67 -53.44
N LYS A 2 0.44 -5.41 -52.21
CA LYS A 2 -0.45 -4.89 -51.18
C LYS A 2 0.30 -4.10 -50.11
N ILE A 3 -0.29 -2.99 -49.65
CA ILE A 3 0.26 -2.27 -48.50
C ILE A 3 -0.86 -1.97 -47.50
N CYS A 4 -0.57 -2.24 -46.22
CA CYS A 4 -1.56 -2.11 -45.16
C CYS A 4 -1.12 -1.13 -44.10
N LEU A 5 -2.06 -0.31 -43.64
CA LEU A 5 -1.83 0.64 -42.57
C LEU A 5 -2.27 0.01 -41.25
N GLY A 6 -1.48 0.17 -40.20
CA GLY A 6 -1.87 -0.41 -38.92
C GLY A 6 -1.35 0.34 -37.71
N HIS A 7 -1.70 -0.19 -36.53
CA HIS A 7 -1.25 0.34 -35.26
C HIS A 7 -0.84 -0.79 -34.33
N HIS A 8 0.06 -0.51 -33.38
CA HIS A 8 0.57 -1.55 -32.50
C HIS A 8 -0.47 -1.97 -31.46
N ALA A 9 -0.19 -3.07 -30.77
CA ALA A 9 -1.09 -3.62 -29.75
C ALA A 9 -0.31 -4.57 -28.85
N VAL A 10 -0.91 -4.93 -27.72
CA VAL A 10 -0.24 -5.84 -26.79
C VAL A 10 -1.18 -6.88 -26.19
N SER A 11 -0.62 -7.87 -25.52
CA SER A 11 -1.40 -8.83 -24.76
C SER A 11 -1.39 -8.38 -23.31
N ASN A 12 -0.58 -7.35 -23.06
CA ASN A 12 -0.38 -6.80 -21.73
C ASN A 12 -1.27 -5.57 -21.52
N GLY A 13 -2.54 -5.70 -21.88
CA GLY A 13 -3.46 -4.57 -21.86
C GLY A 13 -3.92 -4.16 -20.47
N THR A 14 -4.10 -2.85 -20.26
CA THR A 14 -4.55 -2.34 -18.96
C THR A 14 -5.86 -1.56 -19.09
N LYS A 15 -6.81 -1.85 -18.21
CA LYS A 15 -8.15 -1.29 -18.32
C LYS A 15 -8.26 0.10 -17.70
N VAL A 16 -8.96 1.00 -18.39
CA VAL A 16 -9.24 2.33 -17.87
C VAL A 16 -10.72 2.65 -18.08
N ASN A 17 -11.14 3.84 -17.67
CA ASN A 17 -12.52 4.26 -17.84
C ASN A 17 -12.63 5.48 -18.73
N THR A 18 -13.76 5.62 -19.39
CA THR A 18 -14.05 6.78 -20.23
C THR A 18 -15.44 7.32 -19.89
N LEU A 19 -15.96 8.22 -20.70
CA LEU A 19 -17.33 8.70 -20.52
C LEU A 19 -18.35 7.60 -20.83
N THR A 20 -18.02 6.75 -21.79
CA THR A 20 -18.93 5.71 -22.26
C THR A 20 -18.61 4.34 -21.68
N GLU A 21 -17.38 3.87 -21.85
CA GLU A 21 -17.00 2.53 -21.41
C GLU A 21 -16.39 2.51 -20.01
N ARG A 22 -16.52 1.37 -19.36
CA ARG A 22 -15.87 1.13 -18.09
C ARG A 22 -15.06 -0.15 -18.17
N GLY A 23 -13.74 0.00 -18.19
CA GLY A 23 -12.84 -1.14 -18.27
C GLY A 23 -12.35 -1.40 -19.68
N VAL A 24 -12.36 -0.36 -20.51
CA VAL A 24 -11.84 -0.47 -21.88
C VAL A 24 -10.31 -0.57 -21.84
N GLU A 25 -9.77 -1.57 -22.52
CA GLU A 25 -8.32 -1.80 -22.49
C GLU A 25 -7.58 -0.82 -23.39
N VAL A 26 -6.46 -0.31 -22.89
CA VAL A 26 -5.58 0.54 -23.67
C VAL A 26 -4.19 -0.09 -23.63
N VAL A 27 -3.29 0.43 -24.46
CA VAL A 27 -1.95 -0.13 -24.55
C VAL A 27 -1.16 0.16 -23.28
N ASN A 28 -1.24 1.41 -22.84
CA ASN A 28 -0.45 1.86 -21.69
C ASN A 28 -1.19 2.91 -20.87
N ALA A 29 -1.04 2.84 -19.55
CA ALA A 29 -1.69 3.77 -18.64
C ALA A 29 -0.79 4.09 -17.47
N THR A 30 -1.05 5.22 -16.79
CA THR A 30 -0.28 5.61 -15.63
C THR A 30 -1.23 6.00 -14.52
N GLU A 31 -0.73 5.99 -13.28
CA GLU A 31 -1.55 6.31 -12.13
C GLU A 31 -1.56 7.82 -11.87
N THR A 32 -2.71 8.34 -11.47
CA THR A 32 -2.84 9.75 -11.16
C THR A 32 -3.05 9.99 -9.66
N VAL A 33 -3.38 8.92 -8.93
CA VAL A 33 -3.65 9.02 -7.49
C VAL A 33 -2.50 8.43 -6.67
N GLU A 34 -1.83 9.27 -5.90
CA GLU A 34 -0.70 8.84 -5.10
C GLU A 34 -1.16 8.06 -3.87
N ARG A 35 -0.51 6.94 -3.60
CA ARG A 35 -0.77 6.18 -2.38
C ARG A 35 0.53 5.79 -1.72
N THR A 36 1.65 6.10 -2.39
CA THR A 36 2.97 5.74 -1.89
C THR A 36 3.43 6.74 -0.84
N ASN A 37 3.47 6.31 0.42
CA ASN A 37 3.83 7.18 1.53
C ASN A 37 5.24 6.94 2.04
N ILE A 38 5.91 8.03 2.44
CA ILE A 38 7.21 7.95 3.08
C ILE A 38 7.01 8.19 4.59
N PRO A 39 7.16 7.14 5.40
CA PRO A 39 6.86 7.18 6.83
C PRO A 39 7.89 7.94 7.66
N ARG A 40 8.35 9.08 7.15
CA ARG A 40 9.28 9.93 7.88
C ARG A 40 8.95 11.40 7.60
N ILE A 41 9.48 12.31 8.40
CA ILE A 41 9.29 13.73 8.15
C ILE A 41 10.52 14.26 7.42
N CYS A 42 10.37 14.45 6.11
CA CYS A 42 11.47 14.90 5.27
C CYS A 42 11.77 16.37 5.51
N SER A 43 12.91 16.63 6.15
CA SER A 43 13.22 17.96 6.67
C SER A 43 14.42 18.63 6.02
N LYS A 44 14.99 18.00 4.99
CA LYS A 44 16.16 18.57 4.32
C LYS A 44 15.87 19.96 3.80
N GLY A 45 16.74 20.91 4.12
CA GLY A 45 16.59 22.27 3.65
C GLY A 45 15.75 23.11 4.59
N LYS A 46 15.03 22.45 5.49
CA LYS A 46 14.16 23.15 6.43
C LYS A 46 14.67 23.04 7.86
N ARG A 47 14.76 24.18 8.55
CA ARG A 47 15.14 24.21 9.95
C ARG A 47 14.02 23.61 10.80
N THR A 48 14.31 22.50 11.46
CA THR A 48 13.27 21.68 12.07
C THR A 48 13.46 21.51 13.56
N VAL A 49 12.36 21.63 14.31
CA VAL A 49 12.39 21.33 15.74
C VAL A 49 11.37 20.24 16.08
N ASP A 50 11.82 19.23 16.82
CA ASP A 50 10.94 18.16 17.29
C ASP A 50 10.68 18.37 18.78
N LEU A 51 9.61 19.11 19.08
CA LEU A 51 9.33 19.53 20.45
C LEU A 51 9.20 18.36 21.42
N GLY A 52 8.81 17.19 20.90
CA GLY A 52 8.75 15.98 21.70
C GLY A 52 7.79 16.10 22.86
N GLN A 53 8.33 16.21 24.06
CA GLN A 53 7.52 16.30 25.27
C GLN A 53 7.07 17.72 25.54
N CYS A 54 7.70 18.68 24.86
CA CYS A 54 7.31 20.08 25.00
C CYS A 54 6.08 20.39 24.15
N GLY A 55 5.00 20.83 24.80
CA GLY A 55 3.84 21.29 24.06
C GLY A 55 4.16 22.62 23.44
N LEU A 56 3.52 22.94 22.31
CA LEU A 56 3.81 24.16 21.59
C LEU A 56 3.50 25.40 22.43
N LEU A 57 2.40 25.33 23.19
CA LEU A 57 2.01 26.44 24.04
C LEU A 57 2.95 26.56 25.25
N GLY A 58 3.60 25.44 25.58
CA GLY A 58 4.55 25.43 26.67
C GLY A 58 5.83 26.22 26.39
N THR A 59 6.08 26.50 25.12
CA THR A 59 7.27 27.25 24.73
C THR A 59 7.19 28.71 25.20
N ILE A 60 5.98 29.14 25.52
CA ILE A 60 5.72 30.53 25.93
C ILE A 60 5.78 30.67 27.45
N THR A 61 5.17 29.73 28.16
CA THR A 61 5.12 29.77 29.61
C THR A 61 6.38 29.16 30.22
N GLY A 62 6.82 28.03 29.64
CA GLY A 62 8.08 27.43 30.01
C GLY A 62 8.09 26.41 31.13
N PRO A 63 7.36 25.29 30.97
CA PRO A 63 7.57 24.18 31.90
C PRO A 63 8.96 23.60 31.68
N PRO A 64 9.44 22.71 32.57
CA PRO A 64 10.77 22.14 32.35
C PRO A 64 10.95 21.51 30.96
N GLN A 65 9.90 20.89 30.44
CA GLN A 65 9.95 20.17 29.17
C GLN A 65 10.34 21.07 27.99
N CYS A 66 10.08 22.37 28.13
CA CYS A 66 10.24 23.30 27.02
C CYS A 66 11.38 24.28 27.22
N ASP A 67 12.29 23.98 28.14
CA ASP A 67 13.40 24.87 28.45
C ASP A 67 14.34 25.06 27.24
N GLN A 68 14.38 24.06 26.36
CA GLN A 68 15.24 24.12 25.19
C GLN A 68 14.62 24.98 24.09
N PHE A 69 13.32 25.26 24.20
CA PHE A 69 12.60 25.90 23.12
C PHE A 69 12.03 27.27 23.49
N LEU A 70 12.51 27.87 24.58
CA LEU A 70 11.97 29.13 25.07
C LEU A 70 12.16 30.28 24.08
N GLU A 71 13.18 30.16 23.23
CA GLU A 71 13.41 31.14 22.18
C GLU A 71 13.77 30.45 20.87
N PHE A 72 13.10 29.33 20.59
CA PHE A 72 13.43 28.52 19.43
C PHE A 72 13.17 29.26 18.12
N SER A 73 13.79 28.77 17.06
CA SER A 73 13.59 29.31 15.71
C SER A 73 13.43 28.12 14.77
N ALA A 74 12.51 28.22 13.81
CA ALA A 74 12.23 27.07 12.95
C ALA A 74 11.55 27.43 11.63
N ASP A 75 11.66 26.51 10.67
CA ASP A 75 10.91 26.58 9.43
C ASP A 75 9.79 25.54 9.51
N LEU A 76 10.10 24.42 10.17
CA LEU A 76 9.15 23.34 10.34
C LEU A 76 9.04 22.96 11.81
N ILE A 77 7.84 23.09 12.37
CA ILE A 77 7.61 22.76 13.77
C ILE A 77 6.82 21.46 13.87
N ILE A 78 7.27 20.55 14.72
CA ILE A 78 6.62 19.26 14.85
C ILE A 78 6.07 19.04 16.25
N GLU A 79 4.77 18.84 16.35
CA GLU A 79 4.12 18.51 17.61
C GLU A 79 4.10 16.99 17.81
N ARG A 80 4.30 16.56 19.04
CA ARG A 80 4.23 15.15 19.37
C ARG A 80 3.09 14.91 20.36
N ARG A 81 2.50 13.72 20.32
CA ARG A 81 1.35 13.41 21.15
C ARG A 81 1.70 13.42 22.64
N GLU A 82 2.94 13.08 22.97
CA GLU A 82 3.37 13.05 24.36
C GLU A 82 3.64 14.45 24.89
N GLY A 83 3.64 15.42 23.97
CA GLY A 83 3.88 16.81 24.35
C GLY A 83 2.86 17.33 25.33
N SER A 84 3.30 18.24 26.20
CA SER A 84 2.41 18.85 27.17
C SER A 84 2.77 20.32 27.34
N ASP A 85 1.75 21.16 27.41
CA ASP A 85 1.94 22.61 27.58
C ASP A 85 2.07 22.96 29.05
N VAL A 86 2.01 21.93 29.89
CA VAL A 86 1.73 22.12 31.31
C VAL A 86 2.58 21.23 32.22
N CYS A 87 3.03 21.80 33.34
CA CYS A 87 3.61 21.04 34.44
C CYS A 87 2.60 21.02 35.59
N TYR A 88 2.31 22.19 36.14
CA TYR A 88 1.22 22.35 37.09
C TYR A 88 -0.09 22.35 36.32
N PRO A 89 -1.00 21.42 36.66
CA PRO A 89 -2.26 21.14 35.94
C PRO A 89 -3.04 22.39 35.57
N GLY A 90 -3.52 22.40 34.33
CA GLY A 90 -4.26 23.55 33.81
C GLY A 90 -4.36 23.46 32.30
N LYS A 91 -4.88 24.52 31.69
CA LYS A 91 -5.05 24.55 30.25
C LYS A 91 -5.18 25.97 29.75
N PHE A 92 -4.83 26.20 28.49
CA PHE A 92 -4.98 27.53 27.90
C PHE A 92 -6.41 27.81 27.49
N VAL A 93 -6.79 29.08 27.59
CA VAL A 93 -8.05 29.54 27.03
C VAL A 93 -7.77 29.96 25.60
N ASN A 94 -8.65 29.59 24.68
CA ASN A 94 -8.41 29.75 23.24
C ASN A 94 -7.07 29.15 22.86
N GLU A 95 -6.89 27.87 23.20
CA GLU A 95 -5.63 27.16 22.96
C GLU A 95 -5.35 26.96 21.48
N GLU A 96 -6.35 26.48 20.74
CA GLU A 96 -6.13 26.12 19.36
C GLU A 96 -5.78 27.31 18.47
N ALA A 97 -6.43 28.44 18.70
CA ALA A 97 -6.09 29.65 17.96
C ALA A 97 -4.63 29.99 18.20
N LEU A 98 -4.20 29.86 19.45
CA LEU A 98 -2.84 30.19 19.83
C LEU A 98 -1.83 29.21 19.18
N ARG A 99 -2.22 27.95 19.09
CA ARG A 99 -1.39 26.95 18.42
C ARG A 99 -1.21 27.32 16.96
N GLN A 100 -2.32 27.65 16.31
CA GLN A 100 -2.31 27.98 14.89
C GLN A 100 -1.42 29.19 14.62
N ILE A 101 -1.34 30.08 15.59
CA ILE A 101 -0.49 31.26 15.49
C ILE A 101 1.00 30.87 15.58
N LEU A 102 1.33 30.04 16.56
CA LEU A 102 2.72 29.66 16.80
C LEU A 102 3.26 28.71 15.73
N ARG A 103 2.38 27.96 15.07
CA ARG A 103 2.80 27.03 14.04
C ARG A 103 3.42 27.73 12.83
N GLU A 104 3.01 28.98 12.59
CA GLU A 104 3.54 29.73 11.47
C GLU A 104 4.35 30.93 11.94
N SER A 105 4.85 30.87 13.16
CA SER A 105 5.59 31.98 13.76
C SER A 105 7.05 31.99 13.35
N GLY A 106 7.60 30.83 13.04
CA GLY A 106 9.01 30.72 12.73
C GLY A 106 9.80 30.72 14.02
N GLY A 107 9.10 30.55 15.14
CA GLY A 107 9.71 30.57 16.45
C GLY A 107 9.36 31.83 17.21
N ILE A 108 9.92 31.95 18.42
CA ILE A 108 9.62 33.07 19.30
C ILE A 108 10.88 33.77 19.82
N ASP A 109 10.78 35.09 19.97
CA ASP A 109 11.84 35.86 20.61
C ASP A 109 11.28 36.45 21.89
N LYS A 110 11.86 36.07 23.04
CA LYS A 110 11.37 36.51 24.33
C LYS A 110 12.01 37.82 24.76
N GLU A 111 11.25 38.61 25.52
CA GLU A 111 11.74 39.88 26.05
C GLU A 111 11.21 40.14 27.45
N ALA A 112 12.10 40.53 28.35
CA ALA A 112 11.72 40.80 29.73
C ALA A 112 10.70 41.94 29.79
N MET A 113 9.70 41.77 30.65
CA MET A 113 8.63 42.76 30.76
C MET A 113 8.94 43.74 31.89
N GLY A 114 9.86 43.35 32.77
CA GLY A 114 10.36 44.25 33.78
C GLY A 114 9.36 44.60 34.86
N PHE A 115 8.78 43.57 35.49
CA PHE A 115 7.89 43.79 36.62
C PHE A 115 8.68 43.66 37.92
N THR A 116 8.46 44.61 38.83
CA THR A 116 9.09 44.57 40.15
C THR A 116 8.00 44.58 41.22
N TYR A 117 8.25 43.84 42.30
CA TYR A 117 7.23 43.61 43.32
C TYR A 117 7.73 43.97 44.72
N SER A 118 6.81 44.34 45.60
CA SER A 118 7.15 44.70 46.97
C SER A 118 6.09 44.26 47.98
N GLY A 119 6.52 43.66 49.08
CA GLY A 119 5.61 43.25 50.13
C GLY A 119 4.87 41.98 49.73
N ILE A 120 5.61 41.06 49.11
CA ILE A 120 5.01 39.94 48.39
C ILE A 120 6.08 38.90 48.05
N ARG A 121 5.70 37.62 48.09
CA ARG A 121 6.60 36.56 47.64
C ARG A 121 6.42 36.32 46.14
N THR A 122 7.51 35.97 45.45
CA THR A 122 7.42 35.63 44.03
C THR A 122 7.93 34.24 43.76
N ASN A 123 8.47 33.58 44.79
CA ASN A 123 9.12 32.29 44.61
C ASN A 123 8.16 31.12 44.69
N GLY A 124 6.92 31.36 44.28
CA GLY A 124 5.90 30.32 44.28
C GLY A 124 6.33 29.17 43.40
N ALA A 125 6.42 27.98 44.00
CA ALA A 125 6.90 26.79 43.30
C ALA A 125 6.00 25.59 43.60
N THR A 126 6.17 24.50 42.86
CA THR A 126 5.39 23.29 43.10
C THR A 126 6.19 22.03 42.79
N SER A 127 5.70 20.90 43.31
CA SER A 127 6.34 19.60 43.10
C SER A 127 6.12 19.10 41.68
N ALA A 128 5.14 19.69 41.00
CA ALA A 128 4.76 19.24 39.67
C ALA A 128 5.72 19.78 38.62
N CYS A 129 6.32 20.93 38.90
CA CYS A 129 7.31 21.51 38.02
C CYS A 129 8.71 21.27 38.56
N ARG A 130 9.07 20.00 38.78
CA ARG A 130 10.37 19.74 39.36
C ARG A 130 11.46 20.07 38.35
N ARG A 131 12.35 20.97 38.75
CA ARG A 131 13.53 21.34 37.98
C ARG A 131 14.65 21.39 39.01
N SER A 132 15.48 20.35 39.02
CA SER A 132 16.37 20.05 40.14
C SER A 132 15.51 19.76 41.38
N GLY A 133 14.97 20.82 42.00
CA GLY A 133 14.01 20.68 43.08
C GLY A 133 12.64 21.17 42.63
N SER A 134 11.75 21.47 43.59
CA SER A 134 10.45 22.05 43.22
C SER A 134 10.66 23.41 42.58
N SER A 135 9.91 23.68 41.52
CA SER A 135 10.04 24.95 40.82
C SER A 135 8.70 25.39 40.21
N PHE A 136 8.77 26.21 39.17
CA PHE A 136 7.58 26.78 38.55
C PHE A 136 7.86 27.06 37.09
N TYR A 137 6.85 27.56 36.38
CA TYR A 137 7.00 27.99 34.99
C TYR A 137 8.14 29.01 34.84
N ALA A 138 8.98 28.80 33.84
CA ALA A 138 10.21 29.58 33.69
C ALA A 138 9.97 31.04 33.33
N GLU A 139 8.86 31.31 32.64
CA GLU A 139 8.57 32.66 32.17
C GLU A 139 7.52 33.33 33.04
N MET A 140 7.10 32.65 34.09
CA MET A 140 6.03 33.15 34.93
C MET A 140 6.44 33.29 36.39
N LYS A 141 5.68 34.07 37.15
CA LYS A 141 5.94 34.23 38.57
C LYS A 141 4.68 33.92 39.38
N TRP A 142 4.80 32.98 40.31
CA TRP A 142 3.68 32.66 41.18
C TRP A 142 3.74 33.55 42.42
N LEU A 143 2.84 34.53 42.45
CA LEU A 143 2.82 35.54 43.51
C LEU A 143 2.01 35.09 44.73
N LEU A 144 2.59 35.24 45.92
CA LEU A 144 1.89 34.93 47.16
C LEU A 144 1.75 36.18 48.03
N SER A 145 1.26 36.01 49.25
CA SER A 145 1.08 37.14 50.15
C SER A 145 2.41 37.55 50.76
N ASN A 146 2.88 36.78 51.74
CA ASN A 146 4.19 37.00 52.35
C ASN A 146 4.54 35.94 53.39
N THR A 147 3.59 35.65 54.28
CA THR A 147 3.82 34.68 55.34
C THR A 147 2.84 33.51 55.25
N ASP A 148 1.57 33.80 55.48
CA ASP A 148 0.48 32.82 55.47
C ASP A 148 -0.80 33.54 55.88
N ASN A 149 -1.87 33.35 55.11
CA ASN A 149 -3.16 33.99 55.35
C ASN A 149 -3.09 35.52 55.38
N ALA A 150 -1.89 36.05 55.13
CA ALA A 150 -1.65 37.48 55.14
C ALA A 150 -2.33 38.16 53.96
N ALA A 151 -2.65 39.44 54.11
CA ALA A 151 -3.34 40.18 53.06
C ALA A 151 -2.42 40.41 51.87
N PHE A 152 -2.94 40.18 50.66
CA PHE A 152 -2.21 40.45 49.43
C PHE A 152 -2.56 41.84 48.94
N PRO A 153 -1.58 42.75 48.90
CA PRO A 153 -1.80 44.13 48.49
C PRO A 153 -2.31 44.27 47.06
N GLN A 154 -3.24 45.19 46.83
CA GLN A 154 -3.68 45.52 45.48
C GLN A 154 -2.51 46.07 44.68
N MET A 155 -2.29 45.54 43.48
CA MET A 155 -1.17 45.98 42.65
C MET A 155 -1.62 46.36 41.25
N THR A 156 -0.76 47.12 40.56
CA THR A 156 -1.03 47.52 39.18
C THR A 156 0.29 47.58 38.41
N LYS A 157 0.47 46.65 37.47
CA LYS A 157 1.70 46.59 36.70
C LYS A 157 1.40 46.79 35.22
N SER A 158 2.23 47.57 34.54
CA SER A 158 2.00 47.86 33.13
C SER A 158 3.23 47.55 32.28
N TYR A 159 3.01 47.37 30.98
CA TYR A 159 4.06 47.04 30.05
C TYR A 159 3.73 47.56 28.67
N LYS A 160 4.67 48.30 28.07
CA LYS A 160 4.47 48.79 26.70
C LYS A 160 5.30 47.98 25.72
N ASN A 161 4.71 47.64 24.59
CA ASN A 161 5.42 46.98 23.50
C ASN A 161 6.12 48.02 22.63
N THR A 162 7.41 48.23 22.86
CA THR A 162 8.17 49.26 22.17
C THR A 162 8.72 48.79 20.84
N ARG A 163 8.20 47.67 20.34
CA ARG A 163 8.71 47.08 19.10
C ARG A 163 7.74 47.28 17.94
N LYS A 164 8.10 46.75 16.77
CA LYS A 164 7.32 46.99 15.56
C LYS A 164 6.36 45.85 15.26
N SER A 165 6.48 44.77 16.02
CA SER A 165 5.61 43.61 15.88
C SER A 165 4.74 43.43 17.11
N PRO A 166 3.57 42.77 16.95
CA PRO A 166 2.71 42.50 18.10
C PRO A 166 3.38 41.61 19.15
N ALA A 167 3.06 41.85 20.41
CA ALA A 167 3.66 41.10 21.52
C ALA A 167 2.68 40.09 22.10
N LEU A 168 3.13 38.84 22.18
CA LEU A 168 2.30 37.78 22.74
C LEU A 168 2.43 37.79 24.26
N ILE A 169 1.34 38.14 24.94
CA ILE A 169 1.37 38.26 26.39
C ILE A 169 0.50 37.19 27.02
N VAL A 170 0.99 36.59 28.10
CA VAL A 170 0.33 35.45 28.73
C VAL A 170 0.35 35.60 30.24
N TRP A 171 -0.81 35.41 30.87
CA TRP A 171 -0.93 35.45 32.32
C TRP A 171 -1.78 34.29 32.77
N GLY A 172 -1.77 34.00 34.06
CA GLY A 172 -2.48 32.85 34.58
C GLY A 172 -3.32 33.15 35.79
N ILE A 173 -4.46 32.48 35.89
CA ILE A 173 -5.32 32.58 37.06
C ILE A 173 -5.22 31.26 37.83
N HIS A 174 -4.92 31.34 39.12
CA HIS A 174 -4.75 30.14 39.92
C HIS A 174 -6.04 29.76 40.62
N HIS A 175 -6.45 28.52 40.47
CA HIS A 175 -7.65 28.02 41.12
C HIS A 175 -7.29 27.03 42.23
N SER A 176 -7.43 27.47 43.48
CA SER A 176 -7.04 26.66 44.63
C SER A 176 -8.05 25.55 44.90
N VAL A 177 -7.62 24.54 45.67
CA VAL A 177 -8.48 23.40 45.97
C VAL A 177 -9.63 23.81 46.90
N SER A 178 -9.40 24.85 47.69
CA SER A 178 -10.38 25.31 48.66
C SER A 178 -10.22 26.81 48.92
N THR A 179 -11.25 27.43 49.47
CA THR A 179 -11.15 28.83 49.87
C THR A 179 -10.17 28.94 51.03
N ALA A 180 -10.01 27.83 51.76
CA ALA A 180 -9.05 27.74 52.83
C ALA A 180 -7.63 27.86 52.28
N GLU A 181 -7.36 27.14 51.20
CA GLU A 181 -6.03 27.17 50.58
C GLU A 181 -5.80 28.49 49.84
N GLN A 182 -6.87 29.05 49.30
CA GLN A 182 -6.77 30.35 48.62
C GLN A 182 -6.43 31.45 49.62
N THR A 183 -7.03 31.36 50.81
CA THR A 183 -6.81 32.34 51.86
C THR A 183 -5.38 32.20 52.39
N LYS A 184 -4.96 30.95 52.58
CA LYS A 184 -3.61 30.64 53.06
C LYS A 184 -2.52 31.24 52.16
N LEU A 185 -2.83 31.39 50.87
CA LEU A 185 -1.85 31.86 49.91
C LEU A 185 -1.94 33.35 49.61
N TYR A 186 -3.16 33.86 49.45
CA TYR A 186 -3.34 35.23 49.00
C TYR A 186 -4.17 36.08 49.96
N GLY A 187 -4.53 35.49 51.10
CA GLY A 187 -5.33 36.20 52.09
C GLY A 187 -6.81 36.10 51.79
N SER A 188 -7.63 36.61 52.72
CA SER A 188 -9.08 36.52 52.60
C SER A 188 -9.65 37.46 51.53
N GLY A 189 -10.99 37.53 51.48
CA GLY A 189 -11.66 38.46 50.59
C GLY A 189 -11.73 37.97 49.16
N ASN A 190 -12.71 38.48 48.41
CA ASN A 190 -12.85 38.11 47.02
C ASN A 190 -11.67 38.62 46.22
N LYS A 191 -11.24 37.84 45.23
CA LYS A 191 -10.06 38.19 44.46
C LYS A 191 -10.45 38.55 43.03
N LEU A 192 -9.85 39.62 42.52
CA LEU A 192 -10.12 40.08 41.17
C LEU A 192 -8.82 40.35 40.44
N VAL A 193 -8.78 40.01 39.16
CA VAL A 193 -7.64 40.33 38.30
C VAL A 193 -8.19 40.91 37.01
N THR A 194 -7.86 42.17 36.74
CA THR A 194 -8.36 42.83 35.53
C THR A 194 -7.19 43.10 34.58
N VAL A 195 -7.44 42.90 33.29
CA VAL A 195 -6.41 43.08 32.27
C VAL A 195 -6.89 44.09 31.23
N GLY A 196 -6.20 45.22 31.16
CA GLY A 196 -6.61 46.30 30.28
C GLY A 196 -5.62 46.61 29.16
N SER A 197 -6.14 46.75 27.96
CA SER A 197 -5.34 47.14 26.80
C SER A 197 -6.01 48.34 26.14
N SER A 198 -5.85 48.48 24.83
CA SER A 198 -6.50 49.57 24.09
C SER A 198 -7.36 49.01 22.96
N ASN A 199 -7.64 47.73 23.03
CA ASN A 199 -8.50 47.03 22.09
C ASN A 199 -8.93 45.72 22.73
N TYR A 200 -8.66 45.62 24.03
CA TYR A 200 -8.96 44.42 24.80
C TYR A 200 -9.36 44.84 26.21
N GLN A 201 -10.39 44.19 26.72
CA GLN A 201 -10.87 44.43 28.08
C GLN A 201 -11.55 43.18 28.58
N GLN A 202 -11.05 42.64 29.69
CA GLN A 202 -11.58 41.41 30.25
C GLN A 202 -11.46 41.46 31.76
N SER A 203 -12.06 40.48 32.43
CA SER A 203 -11.96 40.40 33.88
C SER A 203 -11.87 38.94 34.29
N PHE A 204 -11.22 38.68 35.42
CA PHE A 204 -10.96 37.31 35.83
C PHE A 204 -11.11 37.13 37.33
N VAL A 205 -11.80 36.05 37.71
CA VAL A 205 -12.02 35.71 39.11
C VAL A 205 -11.62 34.27 39.33
N PRO A 206 -10.94 33.97 40.45
CA PRO A 206 -10.59 32.57 40.71
C PRO A 206 -11.81 31.75 41.11
N SER A 207 -11.73 30.44 40.94
CA SER A 207 -12.82 29.54 41.26
C SER A 207 -12.30 28.43 42.15
N PRO A 208 -12.08 28.73 43.43
CA PRO A 208 -11.58 27.68 44.32
C PRO A 208 -12.60 26.57 44.51
N GLY A 209 -12.15 25.32 44.51
CA GLY A 209 -13.05 24.20 44.65
C GLY A 209 -12.37 22.87 44.39
N ALA A 210 -12.94 21.80 44.93
CA ALA A 210 -12.36 20.48 44.79
C ALA A 210 -12.41 20.00 43.35
N ARG A 211 -11.32 19.37 42.91
CA ARG A 211 -11.21 18.86 41.55
C ARG A 211 -10.41 17.57 41.63
N PRO A 212 -10.55 16.69 40.61
CA PRO A 212 -9.74 15.46 40.59
C PRO A 212 -8.24 15.77 40.66
N GLN A 213 -7.49 14.88 41.30
CA GLN A 213 -6.04 15.06 41.40
C GLN A 213 -5.37 14.76 40.07
N VAL A 214 -4.67 15.76 39.53
CA VAL A 214 -3.83 15.59 38.35
C VAL A 214 -2.39 15.84 38.77
N ASN A 215 -1.53 14.87 38.53
CA ASN A 215 -0.15 14.87 39.04
C ASN A 215 -0.14 15.00 40.57
N GLY A 216 -1.19 14.50 41.21
CA GLY A 216 -1.31 14.54 42.66
C GLY A 216 -1.90 15.83 43.16
N LEU A 217 -2.21 16.75 42.25
CA LEU A 217 -2.70 18.06 42.63
C LEU A 217 -4.13 18.34 42.17
N SER A 218 -4.87 19.07 42.98
CA SER A 218 -6.26 19.40 42.65
C SER A 218 -6.40 20.87 42.26
N GLY A 219 -5.26 21.57 42.20
CA GLY A 219 -5.27 22.97 41.85
C GLY A 219 -5.13 23.14 40.35
N ARG A 220 -5.64 24.24 39.82
CA ARG A 220 -5.60 24.48 38.39
C ARG A 220 -5.10 25.89 38.07
N ILE A 221 -4.20 25.98 37.10
CA ILE A 221 -3.78 27.26 36.55
C ILE A 221 -4.18 27.30 35.07
N ASP A 222 -5.20 28.09 34.76
CA ASP A 222 -5.64 28.24 33.37
C ASP A 222 -5.08 29.54 32.79
N PHE A 223 -4.37 29.41 31.68
CA PHE A 223 -3.68 30.52 31.06
C PHE A 223 -4.53 31.31 30.07
N HIS A 224 -4.27 32.61 29.99
CA HIS A 224 -4.93 33.48 29.03
C HIS A 224 -3.90 34.28 28.27
N TRP A 225 -4.25 34.70 27.05
CA TRP A 225 -3.29 35.40 26.21
C TRP A 225 -3.96 36.47 25.38
N LEU A 226 -3.17 37.47 24.98
CA LEU A 226 -3.61 38.48 24.03
C LEU A 226 -2.42 38.89 23.20
N MET A 227 -2.68 39.56 22.10
CA MET A 227 -1.62 40.13 21.29
C MET A 227 -1.58 41.64 21.53
N LEU A 228 -0.43 42.15 21.96
CA LEU A 228 -0.29 43.59 22.20
C LEU A 228 0.21 44.29 20.96
N ASN A 229 -0.56 45.27 20.49
CA ASN A 229 -0.17 46.07 19.33
C ASN A 229 1.05 46.95 19.66
N PRO A 230 1.86 47.27 18.63
CA PRO A 230 3.01 48.17 18.80
C PRO A 230 2.62 49.48 19.50
N ASN A 231 3.45 49.90 20.44
CA ASN A 231 3.26 51.14 21.20
C ASN A 231 2.04 51.12 22.13
N ASP A 232 1.29 50.03 22.10
CA ASP A 232 0.15 49.89 23.00
C ASP A 232 0.63 49.31 24.32
N THR A 233 -0.21 49.35 25.34
CA THR A 233 0.19 48.95 26.70
C THR A 233 -0.81 47.96 27.31
N VAL A 234 -0.31 47.03 28.10
CA VAL A 234 -1.18 46.20 28.95
C VAL A 234 -1.02 46.60 30.40
N THR A 235 -2.11 46.52 31.16
CA THR A 235 -2.09 46.83 32.58
C THR A 235 -2.68 45.69 33.38
N PHE A 236 -1.99 45.27 34.43
CA PHE A 236 -2.47 44.19 35.28
C PHE A 236 -2.79 44.69 36.68
N SER A 237 -4.08 44.81 36.97
CA SER A 237 -4.52 45.20 38.31
C SER A 237 -5.07 43.95 39.00
N PHE A 238 -4.54 43.66 40.19
CA PHE A 238 -4.84 42.40 40.86
C PHE A 238 -4.60 42.46 42.37
N ASN A 239 -5.02 41.42 43.07
CA ASN A 239 -4.88 41.34 44.52
C ASN A 239 -4.70 39.90 45.00
N GLY A 240 -4.25 39.01 44.11
CA GLY A 240 -4.01 37.63 44.49
C GLY A 240 -4.44 36.67 43.41
N ALA A 241 -4.08 35.40 43.57
CA ALA A 241 -4.45 34.34 42.63
C ALA A 241 -3.99 34.66 41.20
N PHE A 242 -2.89 35.38 41.08
CA PHE A 242 -2.40 35.84 39.78
C PHE A 242 -1.07 35.20 39.41
N ILE A 243 -1.00 34.64 38.21
CA ILE A 243 0.26 34.13 37.69
C ILE A 243 0.82 35.13 36.69
N ALA A 244 1.82 35.88 37.15
CA ALA A 244 2.35 36.99 36.38
C ALA A 244 3.39 36.50 35.40
N PRO A 245 3.46 37.17 34.23
CA PRO A 245 4.48 36.88 33.23
C PRO A 245 5.79 37.59 33.53
N ASP A 246 6.91 36.98 33.15
CA ASP A 246 8.20 37.63 33.34
C ASP A 246 8.71 38.17 32.01
N ARG A 247 8.38 37.46 30.94
CA ARG A 247 8.82 37.87 29.60
C ARG A 247 7.68 37.77 28.59
N ALA A 248 7.74 38.62 27.56
CA ALA A 248 6.77 38.59 26.48
C ALA A 248 7.35 37.85 25.27
N SER A 249 6.50 37.45 24.33
CA SER A 249 6.95 36.71 23.17
C SER A 249 6.74 37.49 21.88
N PHE A 250 7.68 37.36 20.95
CA PHE A 250 7.56 37.99 19.64
C PHE A 250 7.80 36.95 18.55
N LEU A 251 6.96 36.97 17.51
CA LEU A 251 7.06 35.99 16.45
C LEU A 251 8.25 36.33 15.54
N ARG A 252 9.04 35.32 15.21
CA ARG A 252 10.27 35.52 14.45
C ARG A 252 10.00 35.76 12.97
N GLY A 253 9.14 34.95 12.36
CA GLY A 253 8.83 35.13 10.95
C GLY A 253 7.73 34.25 10.40
N LYS A 254 8.12 33.22 9.67
CA LYS A 254 7.19 32.32 8.98
C LYS A 254 7.63 30.87 9.07
N SER A 255 6.66 29.98 9.30
CA SER A 255 6.93 28.56 9.39
C SER A 255 5.68 27.74 9.10
N MET A 256 5.80 26.44 9.32
CA MET A 256 4.68 25.52 9.17
C MET A 256 4.77 24.47 10.25
N GLY A 257 3.64 24.16 10.86
CA GLY A 257 3.62 23.19 11.93
C GLY A 257 2.83 21.96 11.53
N ILE A 258 3.28 20.82 12.01
CA ILE A 258 2.57 19.57 11.76
C ILE A 258 2.49 18.76 13.04
N GLN A 259 1.56 17.81 13.06
CA GLN A 259 1.48 16.83 14.12
C GLN A 259 1.88 15.50 13.51
N SER A 260 2.80 14.79 14.14
CA SER A 260 3.27 13.54 13.56
C SER A 260 3.66 12.55 14.64
N GLY A 261 3.77 11.29 14.25
CA GLY A 261 4.21 10.24 15.15
C GLY A 261 5.30 9.41 14.49
N VAL A 262 5.96 10.01 13.50
CA VAL A 262 7.02 9.31 12.79
C VAL A 262 8.31 10.12 12.84
N GLN A 263 9.44 9.44 12.67
CA GLN A 263 10.75 10.05 12.83
C GLN A 263 11.05 11.10 11.77
N VAL A 264 12.17 11.80 11.95
CA VAL A 264 12.57 12.87 11.04
C VAL A 264 13.71 12.37 10.15
N ASP A 265 13.80 12.91 8.93
CA ASP A 265 14.92 12.59 8.04
C ASP A 265 15.43 13.87 7.41
N ALA A 266 16.72 14.15 7.58
CA ALA A 266 17.33 15.38 7.09
C ALA A 266 17.94 15.20 5.70
N ASN A 267 17.78 14.01 5.15
CA ASN A 267 18.29 13.70 3.82
C ASN A 267 17.19 13.82 2.77
N CYS A 268 16.01 13.33 3.12
CA CYS A 268 14.84 13.44 2.26
C CYS A 268 14.29 14.86 2.26
N GLU A 269 13.85 15.33 1.09
CA GLU A 269 13.30 16.67 0.95
C GLU A 269 11.83 16.62 0.54
N GLY A 270 10.96 17.18 1.37
CA GLY A 270 9.54 17.14 1.12
C GLY A 270 8.86 18.50 1.28
N ASP A 271 7.56 18.54 0.98
CA ASP A 271 6.78 19.78 1.10
C ASP A 271 5.31 19.48 1.40
N CYS A 272 4.98 18.21 1.63
CA CYS A 272 3.62 17.84 1.99
C CYS A 272 3.64 16.81 3.09
N TYR A 273 2.98 17.12 4.20
CA TYR A 273 3.09 16.27 5.38
C TYR A 273 1.75 15.80 5.92
N HIS A 274 1.81 14.73 6.69
CA HIS A 274 0.68 14.28 7.51
C HIS A 274 1.26 13.53 8.70
N SER A 275 0.41 13.08 9.61
CA SER A 275 0.89 12.47 10.84
C SER A 275 1.67 11.17 10.59
N GLY A 276 1.46 10.57 9.42
CA GLY A 276 2.06 9.30 9.09
C GLY A 276 3.31 9.41 8.24
N GLY A 277 3.65 10.63 7.83
CA GLY A 277 4.87 10.85 7.06
C GLY A 277 4.79 11.97 6.03
N THR A 278 5.53 11.78 4.94
CA THR A 278 5.66 12.79 3.89
C THR A 278 5.18 12.26 2.54
N ILE A 279 4.51 13.11 1.77
CA ILE A 279 4.03 12.77 0.44
C ILE A 279 4.85 13.51 -0.61
N ILE A 280 5.66 12.78 -1.37
CA ILE A 280 6.43 13.36 -2.47
C ILE A 280 5.93 12.80 -3.78
N SER A 281 5.33 13.65 -4.61
CA SER A 281 4.68 13.16 -5.81
C SER A 281 4.39 14.28 -6.80
N ASN A 282 4.46 13.94 -8.09
CA ASN A 282 4.07 14.85 -9.15
C ASN A 282 2.63 14.59 -9.55
N LEU A 283 2.04 13.56 -8.96
CA LEU A 283 0.66 13.21 -9.25
C LEU A 283 -0.28 14.28 -8.69
N PRO A 284 -1.35 14.60 -9.43
CA PRO A 284 -2.29 15.64 -9.03
C PRO A 284 -3.15 15.27 -7.83
N PHE A 285 -3.34 13.98 -7.58
CA PHE A 285 -4.20 13.54 -6.50
C PHE A 285 -3.50 12.56 -5.57
N GLN A 286 -4.07 12.40 -4.36
CA GLN A 286 -3.56 11.47 -3.36
C GLN A 286 -4.73 10.90 -2.55
N ASN A 287 -4.51 9.71 -2.01
CA ASN A 287 -5.53 9.00 -1.23
C ASN A 287 -4.97 8.56 0.13
N ILE A 288 -4.05 9.34 0.66
CA ILE A 288 -3.38 8.98 1.91
C ILE A 288 -4.01 9.64 3.13
N ASP A 289 -4.16 10.95 3.11
CA ASP A 289 -4.74 11.68 4.24
C ASP A 289 -5.40 12.98 3.80
N SER A 290 -6.66 13.16 4.18
CA SER A 290 -7.42 14.34 3.79
C SER A 290 -6.87 15.57 4.50
N ARG A 291 -6.29 15.37 5.68
CA ARG A 291 -5.80 16.47 6.49
C ARG A 291 -4.31 16.73 6.26
N ALA A 292 -3.78 16.28 5.14
CA ALA A 292 -2.38 16.57 4.79
C ALA A 292 -2.20 18.08 4.60
N VAL A 293 -1.05 18.59 5.03
CA VAL A 293 -0.79 20.04 4.98
C VAL A 293 0.54 20.36 4.31
N GLY A 294 0.70 21.61 3.90
CA GLY A 294 1.86 22.00 3.12
C GLY A 294 1.38 22.25 1.70
N LYS A 295 2.25 22.02 0.73
CA LYS A 295 1.87 22.06 -0.67
C LYS A 295 1.61 20.63 -1.15
N CYS A 296 0.33 20.29 -1.31
CA CYS A 296 -0.07 18.91 -1.53
C CYS A 296 -0.95 18.70 -2.75
N PRO A 297 -0.91 17.48 -3.33
CA PRO A 297 -1.92 17.09 -4.31
C PRO A 297 -3.27 17.00 -3.62
N ARG A 298 -4.36 17.13 -4.38
CA ARG A 298 -5.69 17.15 -3.78
C ARG A 298 -6.08 15.76 -3.28
N TYR A 299 -6.78 15.72 -2.16
CA TYR A 299 -7.23 14.44 -1.63
C TYR A 299 -8.50 13.93 -2.32
N VAL A 300 -8.51 12.64 -2.66
CA VAL A 300 -9.68 12.04 -3.28
C VAL A 300 -10.07 10.72 -2.60
N LYS A 301 -11.34 10.35 -2.76
CA LYS A 301 -11.90 9.15 -2.19
C LYS A 301 -11.31 7.89 -2.83
N GLN A 302 -11.08 7.96 -4.14
CA GLN A 302 -10.67 6.80 -4.90
C GLN A 302 -9.19 6.48 -4.71
N ARG A 303 -8.87 5.19 -4.63
CA ARG A 303 -7.49 4.78 -4.45
C ARG A 303 -6.71 4.74 -5.75
N SER A 304 -7.43 4.75 -6.86
CA SER A 304 -6.79 4.64 -8.17
C SER A 304 -7.63 5.24 -9.28
N LEU A 305 -6.98 6.02 -10.13
CA LEU A 305 -7.58 6.55 -11.36
C LEU A 305 -6.53 6.48 -12.45
N LEU A 306 -6.69 5.56 -13.39
CA LEU A 306 -5.68 5.34 -14.42
C LEU A 306 -5.92 6.26 -15.61
N LEU A 307 -4.86 6.95 -16.00
CA LEU A 307 -4.89 7.85 -17.15
C LEU A 307 -4.23 7.16 -18.33
N ALA A 308 -4.98 6.99 -19.42
CA ALA A 308 -4.47 6.30 -20.59
C ALA A 308 -3.31 7.08 -21.21
N THR A 309 -2.18 6.40 -21.38
CA THR A 309 -1.01 7.01 -21.99
C THR A 309 -0.69 6.32 -23.31
N GLY A 310 -1.69 5.62 -23.84
CA GLY A 310 -1.56 4.92 -25.09
C GLY A 310 -2.92 4.75 -25.74
N MET A 311 -2.91 4.21 -26.95
CA MET A 311 -4.15 4.04 -27.72
C MET A 311 -4.96 2.86 -27.21
N LYS A 312 -6.17 2.73 -27.73
CA LYS A 312 -7.02 1.59 -27.41
C LYS A 312 -6.34 0.32 -27.90
N ASN A 313 -6.26 -0.69 -27.05
CA ASN A 313 -5.59 -1.94 -27.41
C ASN A 313 -6.55 -2.90 -28.09
N VAL A 314 -6.30 -3.19 -29.37
CA VAL A 314 -7.12 -4.12 -30.13
C VAL A 314 -6.29 -5.32 -30.55
N PRO A 315 -6.60 -6.50 -30.01
CA PRO A 315 -5.78 -7.70 -30.21
C PRO A 315 -5.76 -8.16 -31.67
N GLU A 316 -4.62 -8.69 -32.10
CA GLU A 316 -4.47 -9.15 -33.48
C GLU A 316 -5.26 -10.43 -33.76
N ILE A 317 -5.88 -10.49 -34.93
CA ILE A 317 -6.62 -11.66 -35.36
C ILE A 317 -5.64 -12.77 -35.76
N PRO A 318 -5.67 -13.90 -35.03
CA PRO A 318 -4.71 -14.99 -35.23
C PRO A 318 -5.03 -15.87 -36.43
N GLY B 4 -2.27 -16.87 -45.72
CA GLY B 4 -1.08 -16.04 -45.65
C GLY B 4 -1.33 -14.61 -46.10
N ALA B 5 -2.52 -14.10 -45.81
CA ALA B 5 -2.88 -12.73 -46.14
C ALA B 5 -2.48 -11.77 -45.03
N ILE B 6 -2.43 -10.48 -45.34
CA ILE B 6 -2.17 -9.45 -44.34
C ILE B 6 -3.37 -8.52 -44.22
N ALA B 7 -3.50 -7.86 -43.08
CA ALA B 7 -4.61 -6.93 -42.84
C ALA B 7 -4.11 -5.74 -42.05
N GLY B 8 -4.76 -4.60 -42.23
CA GLY B 8 -4.36 -3.40 -41.54
C GLY B 8 -5.25 -3.17 -40.35
N PHE B 9 -5.48 -1.90 -39.97
CA PHE B 9 -6.42 -1.60 -38.91
C PHE B 9 -7.84 -1.94 -39.39
N ILE B 10 -8.85 -1.62 -38.58
CA ILE B 10 -10.21 -2.14 -38.76
C ILE B 10 -10.22 -3.62 -38.37
N GLU B 11 -10.71 -3.89 -37.17
CA GLU B 11 -10.69 -5.22 -36.56
C GLU B 11 -9.28 -5.83 -36.52
N ASN B 12 -8.43 -5.22 -35.68
CA ASN B 12 -7.18 -5.76 -35.11
C ASN B 12 -6.00 -4.79 -35.18
N GLY B 13 -5.09 -4.91 -34.22
CA GLY B 13 -3.82 -4.21 -34.25
C GLY B 13 -2.70 -5.20 -34.52
N TRP B 14 -1.46 -4.74 -34.44
CA TRP B 14 -0.29 -5.58 -34.73
C TRP B 14 0.63 -5.73 -33.53
N GLU B 15 0.68 -6.93 -32.94
CA GLU B 15 1.51 -7.16 -31.76
C GLU B 15 2.99 -7.27 -32.14
N GLY B 16 3.28 -7.22 -33.44
CA GLY B 16 4.65 -7.30 -33.90
C GLY B 16 5.25 -5.94 -34.17
N LEU B 17 4.40 -4.93 -34.32
CA LEU B 17 4.86 -3.56 -34.49
C LEU B 17 5.40 -3.07 -33.15
N ILE B 18 6.71 -3.12 -32.95
CA ILE B 18 7.30 -2.84 -31.64
C ILE B 18 8.29 -1.67 -31.66
N ASP B 19 8.38 -0.96 -32.78
CA ASP B 19 9.28 0.19 -32.90
C ASP B 19 8.51 1.49 -33.15
N GLY B 20 7.19 1.42 -33.04
CA GLY B 20 6.34 2.58 -33.27
C GLY B 20 4.88 2.32 -32.95
N TRP B 21 4.08 3.38 -33.01
CA TRP B 21 2.65 3.26 -32.73
C TRP B 21 1.85 2.95 -33.99
N TYR B 22 2.22 3.61 -35.08
CA TYR B 22 1.57 3.36 -36.37
C TYR B 22 2.62 2.88 -37.36
N GLY B 23 2.21 2.08 -38.32
CA GLY B 23 3.17 1.53 -39.25
C GLY B 23 2.62 0.98 -40.54
N PHE B 24 3.53 0.54 -41.40
CA PHE B 24 3.20 -0.01 -42.71
C PHE B 24 3.45 -1.51 -42.75
N ARG B 25 2.56 -2.25 -43.42
CA ARG B 25 2.80 -3.67 -43.66
C ARG B 25 2.45 -4.01 -45.10
N HIS B 26 3.42 -4.55 -45.81
CA HIS B 26 3.26 -4.83 -47.23
C HIS B 26 3.58 -6.27 -47.54
N GLN B 27 3.12 -6.72 -48.70
CA GLN B 27 3.59 -7.99 -49.25
C GLN B 27 3.73 -7.85 -50.75
N ASN B 28 4.88 -8.28 -51.26
CA ASN B 28 5.15 -8.26 -52.69
C ASN B 28 5.93 -9.50 -53.09
N ALA B 29 6.59 -9.47 -54.23
CA ALA B 29 7.39 -10.59 -54.69
C ALA B 29 8.54 -10.88 -53.74
N GLN B 30 9.07 -9.82 -53.14
CA GLN B 30 10.20 -9.96 -52.23
C GLN B 30 9.77 -10.50 -50.87
N GLY B 31 8.47 -10.57 -50.65
CA GLY B 31 7.94 -11.09 -49.40
C GLY B 31 7.12 -10.08 -48.62
N GLU B 32 7.07 -10.27 -47.31
CA GLU B 32 6.27 -9.43 -46.42
C GLU B 32 7.18 -8.55 -45.57
N GLY B 33 6.73 -7.34 -45.29
CA GLY B 33 7.51 -6.42 -44.49
C GLY B 33 6.65 -5.53 -43.61
N THR B 34 7.22 -5.08 -42.51
CA THR B 34 6.52 -4.22 -41.56
C THR B 34 7.46 -3.12 -41.07
N ALA B 35 7.06 -1.88 -41.27
CA ALA B 35 7.86 -0.74 -40.85
C ALA B 35 6.97 0.28 -40.16
N ALA B 36 7.55 1.09 -39.27
CA ALA B 36 6.77 2.06 -38.51
C ALA B 36 6.88 3.46 -39.12
N ASP B 37 5.82 4.24 -38.97
CA ASP B 37 5.82 5.64 -39.42
C ASP B 37 6.18 6.56 -38.26
N TYR B 38 7.17 7.43 -38.48
CA TYR B 38 7.68 8.27 -37.40
C TYR B 38 6.77 9.46 -37.12
N LYS B 39 6.43 10.21 -38.17
CA LYS B 39 5.67 11.44 -38.03
C LYS B 39 4.33 11.26 -37.31
N SER B 40 3.60 10.21 -37.66
CA SER B 40 2.32 9.95 -37.05
C SER B 40 2.47 9.44 -35.61
N THR B 41 3.46 8.59 -35.39
CA THR B 41 3.74 8.06 -34.06
C THR B 41 4.18 9.19 -33.13
N GLN B 42 5.04 10.06 -33.64
CA GLN B 42 5.56 11.16 -32.82
C GLN B 42 4.46 12.17 -32.49
N SER B 43 3.60 12.43 -33.46
CA SER B 43 2.47 13.33 -33.27
C SER B 43 1.62 12.87 -32.09
N ALA B 44 1.33 11.57 -32.06
CA ALA B 44 0.51 11.00 -31.01
C ALA B 44 1.21 11.08 -29.64
N ILE B 45 2.49 10.70 -29.59
CA ILE B 45 3.26 10.76 -28.35
C ILE B 45 3.36 12.19 -27.79
N ASP B 46 3.58 13.16 -28.68
CA ASP B 46 3.67 14.55 -28.26
C ASP B 46 2.35 15.04 -27.64
N GLN B 47 1.23 14.60 -28.19
CA GLN B 47 -0.07 14.98 -27.67
C GLN B 47 -0.36 14.33 -26.31
N ILE B 48 0.03 13.08 -26.15
CA ILE B 48 -0.22 12.36 -24.90
C ILE B 48 0.62 12.94 -23.76
N THR B 49 1.91 13.16 -24.01
CA THR B 49 2.79 13.75 -23.01
C THR B 49 2.39 15.20 -22.72
N GLY B 50 1.75 15.83 -23.70
CA GLY B 50 1.22 17.18 -23.53
C GLY B 50 0.16 17.21 -22.44
N LYS B 51 -0.63 16.14 -22.39
CA LYS B 51 -1.62 15.95 -21.33
C LYS B 51 -0.93 15.69 -20.00
N LEU B 52 0.11 14.86 -20.05
CA LEU B 52 0.85 14.46 -18.86
C LEU B 52 1.46 15.65 -18.13
N ASN B 53 2.14 16.52 -18.87
CA ASN B 53 2.74 17.71 -18.29
C ASN B 53 1.68 18.61 -17.67
N ARG B 54 0.52 18.67 -18.32
CA ARG B 54 -0.60 19.48 -17.83
C ARG B 54 -1.06 19.05 -16.45
N LEU B 55 -1.00 17.76 -16.15
CA LEU B 55 -1.46 17.25 -14.87
C LEU B 55 -0.33 17.18 -13.83
N ILE B 56 0.85 17.61 -14.24
CA ILE B 56 2.01 17.63 -13.36
C ILE B 56 2.17 19.03 -12.76
N GLU B 57 1.55 20.02 -13.40
CA GLU B 57 1.57 21.40 -12.91
C GLU B 57 1.07 21.46 -11.46
N LYS B 58 2.02 21.63 -10.56
CA LYS B 58 1.76 21.65 -9.12
C LYS B 58 1.10 22.94 -8.67
N THR B 59 0.50 22.91 -7.50
CA THR B 59 -0.13 24.09 -6.92
C THR B 59 0.81 24.78 -5.96
N ASN B 60 0.75 26.11 -5.94
CA ASN B 60 1.55 26.89 -5.01
C ASN B 60 0.74 27.26 -3.78
N GLN B 61 -0.49 26.75 -3.73
CA GLN B 61 -1.36 27.01 -2.59
C GLN B 61 -0.95 26.15 -1.41
N GLN B 62 -0.58 26.82 -0.33
CA GLN B 62 -0.19 26.13 0.88
C GLN B 62 -1.35 26.14 1.87
N PHE B 63 -1.62 25.00 2.47
CA PHE B 63 -2.66 24.91 3.48
C PHE B 63 -2.05 24.51 4.82
N GLU B 64 -2.58 25.07 5.89
CA GLU B 64 -2.11 24.73 7.23
C GLU B 64 -3.23 24.09 8.04
N LEU B 65 -2.86 23.51 9.17
CA LEU B 65 -3.78 22.79 10.05
C LEU B 65 -4.94 23.68 10.47
N ILE B 66 -6.14 23.11 10.51
CA ILE B 66 -7.31 23.88 10.87
C ILE B 66 -7.99 23.22 12.07
N ASP B 67 -7.58 22.00 12.36
CA ASP B 67 -8.04 21.29 13.56
C ASP B 67 -6.87 20.52 14.16
N ASN B 68 -7.19 19.57 15.04
CA ASN B 68 -6.19 18.89 15.85
C ASN B 68 -6.56 17.42 16.05
N GLU B 69 -5.60 16.52 15.88
CA GLU B 69 -5.90 15.09 16.02
C GLU B 69 -5.33 14.52 17.33
N PHE B 70 -4.71 15.37 18.13
CA PHE B 70 -4.29 14.98 19.47
C PHE B 70 -5.34 15.47 20.46
N ASN B 71 -5.62 16.77 20.40
CA ASN B 71 -6.64 17.38 21.27
C ASN B 71 -7.78 17.92 20.42
N GLU B 72 -8.85 17.13 20.32
CA GLU B 72 -10.01 17.44 19.48
C GLU B 72 -10.60 18.82 19.80
N VAL B 73 -10.87 19.61 18.77
CA VAL B 73 -11.40 20.96 18.94
C VAL B 73 -12.85 20.92 19.40
N GLU B 74 -13.44 22.09 19.60
CA GLU B 74 -14.84 22.19 20.04
C GLU B 74 -15.76 21.55 19.02
N LYS B 75 -16.81 20.89 19.51
CA LYS B 75 -17.70 20.09 18.66
C LYS B 75 -18.29 20.87 17.50
N GLN B 76 -18.92 22.00 17.81
CA GLN B 76 -19.65 22.77 16.81
C GLN B 76 -18.74 23.23 15.67
N ILE B 77 -17.64 23.91 16.02
CA ILE B 77 -16.72 24.36 14.98
C ILE B 77 -16.00 23.17 14.33
N GLY B 78 -15.83 22.08 15.08
CA GLY B 78 -15.18 20.91 14.55
C GLY B 78 -16.03 20.23 13.50
N ASN B 79 -17.32 20.08 13.80
CA ASN B 79 -18.27 19.51 12.85
C ASN B 79 -18.47 20.39 11.62
N VAL B 80 -18.36 21.71 11.78
CA VAL B 80 -18.44 22.60 10.63
C VAL B 80 -17.24 22.37 9.71
N ILE B 81 -16.06 22.24 10.32
CA ILE B 81 -14.83 21.97 9.59
C ILE B 81 -14.90 20.66 8.82
N ASN B 82 -15.28 19.59 9.53
CA ASN B 82 -15.41 18.26 8.93
C ASN B 82 -16.41 18.27 7.77
N TRP B 83 -17.57 18.90 7.99
CA TRP B 83 -18.57 19.03 6.95
C TRP B 83 -18.06 19.81 5.74
N THR B 84 -17.20 20.80 5.98
CA THR B 84 -16.64 21.58 4.89
C THR B 84 -15.61 20.76 4.11
N ARG B 85 -14.76 20.04 4.84
CA ARG B 85 -13.72 19.25 4.22
C ARG B 85 -14.32 18.13 3.39
N ASP B 86 -15.31 17.45 3.98
CA ASP B 86 -15.97 16.34 3.31
C ASP B 86 -16.65 16.83 2.04
N SER B 87 -17.21 18.04 2.12
CA SER B 87 -17.89 18.65 0.98
C SER B 87 -16.92 18.95 -0.16
N ILE B 88 -15.72 19.37 0.21
CA ILE B 88 -14.67 19.69 -0.74
C ILE B 88 -14.05 18.42 -1.29
N THR B 89 -13.90 17.41 -0.44
CA THR B 89 -13.38 16.12 -0.86
C THR B 89 -14.31 15.49 -1.89
N GLU B 90 -15.61 15.65 -1.68
CA GLU B 90 -16.60 15.18 -2.64
C GLU B 90 -16.40 15.82 -4.00
N VAL B 91 -16.03 17.10 -3.99
CA VAL B 91 -15.84 17.85 -5.21
C VAL B 91 -14.60 17.39 -5.99
N TRP B 92 -13.46 17.27 -5.31
CA TRP B 92 -12.23 16.88 -6.00
C TRP B 92 -12.27 15.44 -6.50
N SER B 93 -12.96 14.57 -5.75
CA SER B 93 -13.15 13.20 -6.17
C SER B 93 -13.95 13.16 -7.46
N TYR B 94 -15.00 13.98 -7.52
CA TYR B 94 -15.81 14.08 -8.73
C TYR B 94 -14.96 14.62 -9.89
N ASN B 95 -14.27 15.73 -9.65
CA ASN B 95 -13.41 16.34 -10.65
C ASN B 95 -12.36 15.38 -11.18
N ALA B 96 -11.71 14.67 -10.28
CA ALA B 96 -10.68 13.70 -10.65
C ALA B 96 -11.28 12.60 -11.51
N GLU B 97 -12.43 12.08 -11.09
CA GLU B 97 -13.11 11.03 -11.83
C GLU B 97 -13.45 11.51 -13.23
N LEU B 98 -14.03 12.70 -13.31
CA LEU B 98 -14.44 13.27 -14.59
C LEU B 98 -13.26 13.63 -15.47
N LEU B 99 -12.23 14.24 -14.88
CA LEU B 99 -11.04 14.63 -15.65
C LEU B 99 -10.39 13.44 -16.33
N VAL B 100 -10.14 12.38 -15.57
CA VAL B 100 -9.51 11.18 -16.11
C VAL B 100 -10.40 10.51 -17.17
N ALA B 101 -11.68 10.37 -16.86
CA ALA B 101 -12.63 9.77 -17.79
C ALA B 101 -12.69 10.55 -19.10
N MET B 102 -12.66 11.88 -18.98
CA MET B 102 -12.76 12.75 -20.13
C MET B 102 -11.48 12.72 -20.96
N GLU B 103 -10.34 12.85 -20.29
CA GLU B 103 -9.05 12.83 -20.97
C GLU B 103 -8.84 11.50 -21.71
N ASN B 104 -9.22 10.40 -21.05
CA ASN B 104 -9.05 9.07 -21.62
C ASN B 104 -9.87 8.89 -22.89
N GLN B 105 -11.09 9.42 -22.88
CA GLN B 105 -11.95 9.39 -24.05
C GLN B 105 -11.31 10.16 -25.20
N HIS B 106 -10.67 11.27 -24.88
CA HIS B 106 -10.01 12.10 -25.89
C HIS B 106 -8.69 11.48 -26.39
N THR B 107 -7.94 10.87 -25.47
CA THR B 107 -6.68 10.22 -25.85
C THR B 107 -6.94 9.12 -26.87
N ILE B 108 -7.95 8.30 -26.58
CA ILE B 108 -8.36 7.21 -27.46
C ILE B 108 -8.79 7.75 -28.84
N ASP B 109 -9.59 8.81 -28.84
CA ASP B 109 -10.13 9.35 -30.07
C ASP B 109 -9.04 9.98 -30.96
N LEU B 110 -8.09 10.67 -30.36
CA LEU B 110 -7.05 11.34 -31.13
C LEU B 110 -6.12 10.30 -31.73
N ALA B 111 -6.02 9.16 -31.06
CA ALA B 111 -5.21 8.05 -31.54
C ALA B 111 -5.87 7.45 -32.77
N ASP B 112 -7.18 7.27 -32.74
CA ASP B 112 -7.93 6.78 -33.89
C ASP B 112 -7.86 7.79 -35.03
N SER B 113 -7.84 9.07 -34.67
CA SER B 113 -7.75 10.15 -35.64
C SER B 113 -6.43 10.08 -36.41
N GLU B 114 -5.33 9.86 -35.69
CA GLU B 114 -4.02 9.79 -36.30
C GLU B 114 -3.92 8.60 -37.26
N MET B 115 -4.61 7.51 -36.90
CA MET B 115 -4.66 6.34 -37.77
C MET B 115 -5.33 6.70 -39.10
N ASP B 116 -6.47 7.37 -39.01
CA ASP B 116 -7.22 7.77 -40.20
C ASP B 116 -6.45 8.74 -41.09
N LYS B 117 -5.76 9.69 -40.46
CA LYS B 117 -4.99 10.67 -41.21
C LYS B 117 -3.88 10.01 -42.01
N LEU B 118 -3.28 8.98 -41.42
CA LEU B 118 -2.21 8.24 -42.07
C LEU B 118 -2.78 7.42 -43.23
N TYR B 119 -3.92 6.79 -42.99
CA TYR B 119 -4.60 6.00 -44.01
C TYR B 119 -5.01 6.88 -45.19
N GLU B 120 -5.62 8.03 -44.88
CA GLU B 120 -6.09 8.94 -45.91
C GLU B 120 -4.95 9.54 -46.71
N ARG B 121 -3.80 9.70 -46.06
CA ARG B 121 -2.61 10.25 -46.72
C ARG B 121 -2.14 9.30 -47.81
N VAL B 122 -2.00 8.03 -47.43
CA VAL B 122 -1.53 6.98 -48.34
C VAL B 122 -2.53 6.78 -49.49
N LYS B 123 -3.82 6.86 -49.17
CA LYS B 123 -4.86 6.78 -50.21
C LYS B 123 -4.70 7.87 -51.26
N ARG B 124 -4.27 9.04 -50.81
CA ARG B 124 -4.08 10.19 -51.69
C ARG B 124 -2.78 10.09 -52.48
N GLN B 125 -1.82 9.32 -51.96
CA GLN B 125 -0.55 9.12 -52.64
C GLN B 125 -0.75 8.23 -53.84
N LEU B 126 -1.55 7.18 -53.65
CA LEU B 126 -1.70 6.14 -54.66
C LEU B 126 -2.66 6.58 -55.77
N ARG B 127 -3.42 7.64 -55.50
CA ARG B 127 -4.34 8.20 -56.49
C ARG B 127 -5.29 7.15 -57.05
N GLU B 128 -5.19 6.92 -58.36
CA GLU B 128 -6.08 6.00 -59.04
C GLU B 128 -5.39 4.66 -59.30
N ASN B 129 -4.26 4.44 -58.65
CA ASN B 129 -3.46 3.24 -58.87
C ASN B 129 -3.71 2.12 -57.88
N ALA B 130 -4.66 2.32 -56.96
CA ALA B 130 -4.98 1.30 -55.97
C ALA B 130 -6.44 1.37 -55.55
N GLU B 131 -6.90 0.32 -54.87
CA GLU B 131 -8.27 0.25 -54.37
C GLU B 131 -8.26 -0.22 -52.92
N GLU B 132 -9.25 0.21 -52.15
CA GLU B 132 -9.35 -0.16 -50.74
C GLU B 132 -9.99 -1.55 -50.61
N ASP B 133 -9.37 -2.40 -49.79
CA ASP B 133 -9.87 -3.76 -49.61
C ASP B 133 -10.83 -3.85 -48.43
N GLY B 134 -10.89 -2.80 -47.63
CA GLY B 134 -11.82 -2.75 -46.51
C GLY B 134 -11.26 -3.28 -45.21
N THR B 135 -9.99 -3.68 -45.22
CA THR B 135 -9.31 -4.12 -43.99
C THR B 135 -8.19 -3.17 -43.62
N GLY B 136 -8.20 -1.97 -44.18
CA GLY B 136 -7.20 -0.96 -43.91
C GLY B 136 -6.01 -1.07 -44.86
N CYS B 137 -6.14 -1.91 -45.87
CA CYS B 137 -5.06 -2.15 -46.82
C CYS B 137 -5.41 -1.63 -48.22
N PHE B 138 -4.37 -1.44 -49.04
CA PHE B 138 -4.58 -0.99 -50.40
C PHE B 138 -4.09 -2.04 -51.40
N GLU B 139 -4.99 -2.53 -52.25
CA GLU B 139 -4.56 -3.43 -53.30
C GLU B 139 -3.96 -2.60 -54.43
N ILE B 140 -2.65 -2.74 -54.60
CA ILE B 140 -1.92 -2.00 -55.61
C ILE B 140 -1.96 -2.73 -56.95
N PHE B 141 -2.43 -2.04 -57.99
CA PHE B 141 -2.63 -2.67 -59.28
C PHE B 141 -1.44 -2.50 -60.22
N HIS B 142 -0.25 -2.52 -59.63
CA HIS B 142 0.99 -2.57 -60.40
C HIS B 142 2.07 -3.26 -59.60
N LYS B 143 3.22 -3.46 -60.23
CA LYS B 143 4.34 -4.09 -59.54
C LYS B 143 4.95 -3.07 -58.59
N CYS B 144 5.03 -3.42 -57.32
CA CYS B 144 5.64 -2.52 -56.36
C CYS B 144 6.68 -3.27 -55.53
N ASP B 145 7.94 -3.14 -55.96
CA ASP B 145 9.05 -3.80 -55.26
C ASP B 145 9.28 -3.14 -53.90
N ASP B 146 10.30 -3.61 -53.18
CA ASP B 146 10.61 -3.06 -51.87
C ASP B 146 10.96 -1.57 -51.98
N ASP B 147 11.58 -1.20 -53.10
CA ASP B 147 11.97 0.19 -53.32
C ASP B 147 10.73 1.05 -53.55
N CYS B 148 9.75 0.51 -54.26
CA CYS B 148 8.49 1.21 -54.48
C CYS B 148 7.71 1.36 -53.17
N MET B 149 7.75 0.30 -52.35
CA MET B 149 7.10 0.31 -51.06
C MET B 149 7.71 1.38 -50.15
N ALA B 150 9.03 1.52 -50.22
CA ALA B 150 9.72 2.53 -49.43
C ALA B 150 9.34 3.93 -49.90
N SER B 151 9.07 4.07 -51.20
CA SER B 151 8.71 5.36 -51.76
C SER B 151 7.38 5.86 -51.22
N ILE B 152 6.50 4.92 -50.88
CA ILE B 152 5.21 5.27 -50.29
C ILE B 152 5.38 5.70 -48.85
N ARG B 153 6.25 5.00 -48.12
CA ARG B 153 6.47 5.24 -46.70
C ARG B 153 7.13 6.60 -46.43
N ASN B 154 7.97 7.07 -47.36
CA ASN B 154 8.64 8.35 -47.19
C ASN B 154 8.03 9.44 -48.08
N ASN B 155 6.80 9.18 -48.54
CA ASN B 155 6.04 10.14 -49.35
C ASN B 155 6.76 10.60 -50.63
N THR B 156 7.49 9.69 -51.27
CA THR B 156 8.17 10.01 -52.52
C THR B 156 7.59 9.22 -53.69
N TYR B 157 6.38 8.67 -53.51
CA TYR B 157 5.73 7.88 -54.56
C TYR B 157 5.06 8.79 -55.58
N ASP B 158 5.49 8.66 -56.83
CA ASP B 158 4.91 9.44 -57.93
C ASP B 158 3.94 8.56 -58.71
N HIS B 159 2.65 8.82 -58.50
CA HIS B 159 1.60 8.02 -59.12
C HIS B 159 1.61 8.10 -60.64
N SER B 160 2.14 9.20 -61.17
CA SER B 160 2.19 9.39 -62.62
C SER B 160 3.07 8.32 -63.27
N LYS B 161 4.00 7.77 -62.49
CA LYS B 161 4.95 6.78 -62.97
C LYS B 161 4.28 5.44 -63.27
N TYR B 162 3.29 5.09 -62.44
CA TYR B 162 2.67 3.77 -62.52
C TYR B 162 1.23 3.84 -63.01
N ARG B 163 0.79 5.04 -63.39
CA ARG B 163 -0.63 5.27 -63.67
C ARG B 163 -1.16 4.40 -64.81
N GLU B 164 -0.45 4.38 -65.93
CA GLU B 164 -0.85 3.55 -67.08
C GLU B 164 -1.01 2.08 -66.71
N GLU B 165 0.04 1.52 -66.11
CA GLU B 165 0.08 0.11 -65.73
C GLU B 165 -1.06 -0.26 -64.79
N ALA B 166 -1.34 0.62 -63.84
CA ALA B 166 -2.36 0.34 -62.84
C ALA B 166 -3.77 0.38 -63.39
N MET B 167 -4.09 1.45 -64.12
CA MET B 167 -5.44 1.62 -64.66
C MET B 167 -5.81 0.48 -65.62
N GLN B 168 -4.83 0.02 -66.40
CA GLN B 168 -5.06 -1.10 -67.31
C GLN B 168 -5.49 -2.35 -66.55
N ASN B 169 -4.77 -2.68 -65.48
CA ASN B 169 -5.09 -3.83 -64.65
C ASN B 169 -6.42 -3.64 -63.90
N ARG B 170 -6.72 -2.40 -63.54
CA ARG B 170 -7.95 -2.10 -62.82
C ARG B 170 -9.17 -2.27 -63.72
N ILE B 171 -9.07 -1.76 -64.93
CA ILE B 171 -10.20 -1.77 -65.87
C ILE B 171 -10.41 -3.17 -66.45
N GLN B 172 -9.32 -3.89 -66.73
CA GLN B 172 -9.43 -5.27 -67.19
C GLN B 172 -8.10 -6.02 -67.06
N ASP C 1 -53.13 -33.40 -27.38
CA ASP C 1 -52.20 -32.37 -26.93
C ASP C 1 -51.41 -32.81 -25.71
N LYS C 2 -50.17 -32.31 -25.61
CA LYS C 2 -49.24 -32.79 -24.62
C LYS C 2 -48.22 -31.70 -24.27
N ILE C 3 -47.86 -31.62 -22.99
CA ILE C 3 -46.80 -30.71 -22.55
C ILE C 3 -45.82 -31.48 -21.67
N CYS C 4 -44.53 -31.29 -21.93
CA CYS C 4 -43.50 -32.04 -21.23
C CYS C 4 -42.50 -31.15 -20.50
N LEU C 5 -42.16 -31.53 -19.28
CA LEU C 5 -41.15 -30.83 -18.51
C LEU C 5 -39.80 -31.51 -18.66
N GLY C 6 -38.75 -30.71 -18.83
CA GLY C 6 -37.43 -31.26 -18.97
C GLY C 6 -36.32 -30.35 -18.48
N HIS C 7 -35.10 -30.83 -18.63
CA HIS C 7 -33.91 -30.07 -18.26
C HIS C 7 -32.90 -30.21 -19.38
N HIS C 8 -32.01 -29.23 -19.50
CA HIS C 8 -31.05 -29.22 -20.59
C HIS C 8 -29.99 -30.30 -20.39
N ALA C 9 -29.23 -30.57 -21.45
CA ALA C 9 -28.16 -31.54 -21.41
C ALA C 9 -27.26 -31.35 -22.62
N VAL C 10 -26.06 -31.92 -22.57
CA VAL C 10 -25.13 -31.81 -23.68
C VAL C 10 -24.36 -33.12 -23.88
N SER C 11 -23.65 -33.21 -24.99
CA SER C 11 -22.77 -34.36 -25.25
C SER C 11 -21.34 -34.02 -24.86
N ASN C 12 -21.11 -32.76 -24.51
CA ASN C 12 -19.78 -32.27 -24.16
C ASN C 12 -19.58 -32.28 -22.65
N GLY C 13 -19.92 -33.41 -22.03
CA GLY C 13 -19.93 -33.53 -20.57
C GLY C 13 -18.58 -33.60 -19.90
N THR C 14 -18.49 -33.04 -18.70
CA THR C 14 -17.26 -33.06 -17.92
C THR C 14 -17.48 -33.76 -16.58
N LYS C 15 -16.54 -34.65 -16.22
CA LYS C 15 -16.71 -35.49 -15.04
C LYS C 15 -16.25 -34.82 -13.74
N VAL C 16 -17.04 -35.01 -12.69
CA VAL C 16 -16.68 -34.55 -11.35
C VAL C 16 -16.91 -35.70 -10.38
N ASN C 17 -16.65 -35.46 -9.10
CA ASN C 17 -16.81 -36.52 -8.09
C ASN C 17 -17.80 -36.17 -7.00
N THR C 18 -18.41 -37.18 -6.39
CA THR C 18 -19.31 -36.98 -5.26
C THR C 18 -18.96 -37.91 -4.10
N LEU C 19 -19.81 -37.93 -3.09
CA LEU C 19 -19.66 -38.84 -1.96
C LEU C 19 -19.92 -40.27 -2.40
N THR C 20 -20.80 -40.40 -3.39
CA THR C 20 -21.20 -41.70 -3.90
C THR C 20 -20.48 -42.00 -5.21
N GLU C 21 -20.58 -41.08 -6.16
CA GLU C 21 -20.06 -41.30 -7.50
C GLU C 21 -18.63 -40.78 -7.68
N ARG C 22 -17.92 -41.42 -8.60
CA ARG C 22 -16.60 -40.95 -9.04
C ARG C 22 -16.55 -40.89 -10.56
N GLY C 23 -16.56 -39.67 -11.10
CA GLY C 23 -16.50 -39.48 -12.54
C GLY C 23 -17.86 -39.30 -13.16
N VAL C 24 -18.83 -38.85 -12.37
CA VAL C 24 -20.17 -38.60 -12.87
C VAL C 24 -20.19 -37.34 -13.74
N GLU C 25 -20.76 -37.45 -14.94
CA GLU C 25 -20.76 -36.33 -15.87
C GLU C 25 -21.82 -35.29 -15.51
N VAL C 26 -21.42 -34.02 -15.57
CA VAL C 26 -22.33 -32.90 -15.33
C VAL C 26 -22.30 -31.92 -16.50
N VAL C 27 -23.17 -30.92 -16.47
CA VAL C 27 -23.28 -29.95 -17.56
C VAL C 27 -22.06 -29.04 -17.65
N ASN C 28 -21.65 -28.48 -16.52
CA ASN C 28 -20.53 -27.54 -16.51
C ASN C 28 -19.74 -27.63 -15.20
N ALA C 29 -18.42 -27.51 -15.32
CA ALA C 29 -17.56 -27.57 -14.15
C ALA C 29 -16.37 -26.64 -14.30
N THR C 30 -15.76 -26.28 -13.18
CA THR C 30 -14.59 -25.41 -13.17
C THR C 30 -13.53 -26.00 -12.25
N GLU C 31 -12.30 -25.54 -12.42
CA GLU C 31 -11.20 -26.04 -11.61
C GLU C 31 -11.07 -25.26 -10.31
N THR C 32 -10.75 -25.98 -9.23
CA THR C 32 -10.59 -25.38 -7.92
C THR C 32 -9.12 -25.36 -7.51
N VAL C 33 -8.30 -26.12 -8.25
CA VAL C 33 -6.89 -26.23 -7.95
C VAL C 33 -6.05 -25.45 -8.95
N GLU C 34 -5.36 -24.41 -8.46
CA GLU C 34 -4.53 -23.58 -9.34
C GLU C 34 -3.24 -24.29 -9.73
N ARG C 35 -2.93 -24.24 -11.02
CA ARG C 35 -1.68 -24.80 -11.52
C ARG C 35 -0.99 -23.85 -12.50
N THR C 36 -1.67 -22.75 -12.83
CA THR C 36 -1.10 -21.79 -13.78
C THR C 36 -0.15 -20.89 -13.03
N ASN C 37 1.14 -21.05 -13.31
CA ASN C 37 2.18 -20.30 -12.63
C ASN C 37 2.67 -19.13 -13.48
N ILE C 38 2.97 -18.02 -12.82
CA ILE C 38 3.56 -16.87 -13.49
C ILE C 38 5.05 -16.83 -13.16
N PRO C 39 5.90 -17.16 -14.15
CA PRO C 39 7.35 -17.28 -13.93
C PRO C 39 8.07 -15.93 -13.81
N ARG C 40 7.45 -14.98 -13.11
CA ARG C 40 8.05 -13.68 -12.84
C ARG C 40 7.67 -13.18 -11.44
N ILE C 41 8.37 -12.15 -10.98
CA ILE C 41 8.08 -11.55 -9.68
C ILE C 41 7.16 -10.34 -9.81
N CYS C 42 5.89 -10.53 -9.47
CA CYS C 42 4.92 -9.46 -9.54
C CYS C 42 5.13 -8.47 -8.41
N SER C 43 5.66 -7.29 -8.71
CA SER C 43 6.10 -6.35 -7.70
C SER C 43 5.36 -5.00 -7.74
N LYS C 44 4.37 -4.88 -8.61
CA LYS C 44 3.63 -3.64 -8.77
C LYS C 44 2.99 -3.18 -7.46
N GLY C 45 3.22 -1.92 -7.10
CA GLY C 45 2.65 -1.35 -5.90
C GLY C 45 3.53 -1.54 -4.67
N LYS C 46 4.50 -2.44 -4.76
CA LYS C 46 5.39 -2.70 -3.65
C LYS C 46 6.82 -2.23 -3.94
N ARG C 47 7.39 -1.50 -3.01
CA ARG C 47 8.78 -1.05 -3.11
C ARG C 47 9.72 -2.24 -2.97
N THR C 48 10.46 -2.52 -4.02
CA THR C 48 11.19 -3.78 -4.14
C THR C 48 12.69 -3.57 -4.30
N VAL C 49 13.48 -4.36 -3.58
CA VAL C 49 14.93 -4.37 -3.74
C VAL C 49 15.39 -5.78 -4.12
N ASP C 50 16.24 -5.87 -5.14
CA ASP C 50 16.77 -7.15 -5.58
C ASP C 50 18.24 -7.27 -5.18
N LEU C 51 18.47 -7.89 -4.03
CA LEU C 51 19.79 -7.92 -3.39
C LEU C 51 20.90 -8.52 -4.26
N GLY C 52 20.53 -9.41 -5.17
CA GLY C 52 21.48 -9.99 -6.09
C GLY C 52 22.61 -10.76 -5.43
N GLN C 53 23.81 -10.19 -5.46
CA GLN C 53 24.99 -10.82 -4.88
C GLN C 53 25.11 -10.51 -3.39
N CYS C 54 24.35 -9.51 -2.96
CA CYS C 54 24.34 -9.13 -1.56
C CYS C 54 23.44 -10.07 -0.77
N GLY C 55 24.02 -10.76 0.21
CA GLY C 55 23.24 -11.58 1.13
C GLY C 55 22.48 -10.65 2.06
N LEU C 56 21.34 -11.12 2.57
CA LEU C 56 20.51 -10.27 3.42
C LEU C 56 21.24 -9.84 4.68
N LEU C 57 22.05 -10.72 5.24
CA LEU C 57 22.82 -10.41 6.45
C LEU C 57 23.96 -9.46 6.14
N GLY C 58 24.34 -9.40 4.87
CA GLY C 58 25.39 -8.49 4.43
C GLY C 58 24.97 -7.03 4.55
N THR C 59 23.67 -6.80 4.64
CA THR C 59 23.15 -5.44 4.78
C THR C 59 23.51 -4.80 6.12
N ILE C 60 23.86 -5.64 7.10
CA ILE C 60 24.16 -5.17 8.46
C ILE C 60 25.64 -4.91 8.68
N THR C 61 26.47 -5.83 8.20
CA THR C 61 27.92 -5.73 8.37
C THR C 61 28.51 -4.88 7.26
N GLY C 62 28.03 -5.10 6.05
CA GLY C 62 28.39 -4.29 4.91
C GLY C 62 29.61 -4.74 4.11
N PRO C 63 29.54 -5.95 3.52
CA PRO C 63 30.58 -6.30 2.54
C PRO C 63 30.45 -5.42 1.31
N PRO C 64 31.44 -5.45 0.40
CA PRO C 64 31.33 -4.64 -0.83
C PRO C 64 30.03 -4.89 -1.60
N GLN C 65 29.56 -6.14 -1.60
CA GLN C 65 28.38 -6.51 -2.37
C GLN C 65 27.12 -5.80 -1.90
N CYS C 66 27.11 -5.36 -0.64
CA CYS C 66 25.91 -4.83 -0.01
C CYS C 66 25.99 -3.33 0.27
N ASP C 67 26.92 -2.66 -0.42
CA ASP C 67 27.17 -1.23 -0.20
C ASP C 67 25.97 -0.35 -0.54
N GLN C 68 25.11 -0.84 -1.44
CA GLN C 68 23.95 -0.09 -1.88
C GLN C 68 22.79 -0.17 -0.89
N PHE C 69 22.84 -1.15 0.02
CA PHE C 69 21.69 -1.48 0.85
C PHE C 69 21.94 -1.30 2.35
N LEU C 70 23.00 -0.57 2.69
CA LEU C 70 23.39 -0.41 4.10
C LEU C 70 22.30 0.29 4.93
N GLU C 71 21.49 1.09 4.26
CA GLU C 71 20.37 1.76 4.91
C GLU C 71 19.16 1.66 4.00
N PHE C 72 19.01 0.50 3.37
CA PHE C 72 17.98 0.30 2.36
C PHE C 72 16.57 0.39 2.94
N SER C 73 15.60 0.61 2.06
CA SER C 73 14.20 0.60 2.44
C SER C 73 13.45 -0.18 1.38
N ALA C 74 12.51 -1.02 1.80
CA ALA C 74 11.79 -1.86 0.85
C ALA C 74 10.49 -2.40 1.46
N ASP C 75 9.58 -2.81 0.57
CA ASP C 75 8.38 -3.52 0.97
C ASP C 75 8.55 -5.00 0.64
N LEU C 76 9.26 -5.25 -0.46
CA LEU C 76 9.51 -6.61 -0.90
C LEU C 76 11.00 -6.86 -1.12
N ILE C 77 11.56 -7.81 -0.37
CA ILE C 77 12.98 -8.14 -0.46
C ILE C 77 13.19 -9.49 -1.14
N ILE C 78 14.11 -9.55 -2.10
CA ILE C 78 14.37 -10.78 -2.82
C ILE C 78 15.80 -11.26 -2.57
N GLU C 79 15.91 -12.47 -2.03
CA GLU C 79 17.21 -13.09 -1.87
C GLU C 79 17.54 -13.86 -3.13
N ARG C 80 18.81 -13.83 -3.52
CA ARG C 80 19.25 -14.57 -4.69
C ARG C 80 20.24 -15.64 -4.28
N ARG C 81 20.28 -16.73 -5.04
CA ARG C 81 21.15 -17.86 -4.72
C ARG C 81 22.61 -17.42 -4.77
N GLU C 82 22.89 -16.44 -5.64
CA GLU C 82 24.24 -15.92 -5.79
C GLU C 82 24.61 -14.96 -4.66
N GLY C 83 23.62 -14.59 -3.86
CA GLY C 83 23.84 -13.68 -2.74
C GLY C 83 24.79 -14.26 -1.70
N SER C 84 25.56 -13.39 -1.06
CA SER C 84 26.48 -13.80 -0.01
C SER C 84 26.52 -12.78 1.12
N ASP C 85 26.51 -13.28 2.35
CA ASP C 85 26.52 -12.42 3.54
C ASP C 85 27.95 -12.05 3.93
N VAL C 86 28.91 -12.55 3.16
CA VAL C 86 30.29 -12.56 3.61
C VAL C 86 31.28 -12.24 2.49
N CYS C 87 32.30 -11.45 2.82
CA CYS C 87 33.47 -11.26 1.97
C CYS C 87 34.62 -12.02 2.60
N TYR C 88 35.01 -11.62 3.80
CA TYR C 88 35.96 -12.40 4.59
C TYR C 88 35.24 -13.60 5.17
N PRO C 89 35.72 -14.82 4.85
CA PRO C 89 35.10 -16.10 5.22
C PRO C 89 34.65 -16.18 6.67
N GLY C 90 33.45 -16.71 6.86
CA GLY C 90 32.85 -16.80 8.19
C GLY C 90 31.37 -17.09 8.08
N LYS C 91 30.67 -17.01 9.20
CA LYS C 91 29.23 -17.25 9.21
C LYS C 91 28.57 -16.63 10.44
N PHE C 92 27.29 -16.32 10.32
CA PHE C 92 26.53 -15.79 11.46
C PHE C 92 26.08 -16.92 12.38
N VAL C 93 26.04 -16.63 13.68
CA VAL C 93 25.43 -17.54 14.63
C VAL C 93 23.96 -17.14 14.73
N ASN C 94 23.06 -18.13 14.71
CA ASN C 94 21.63 -17.90 14.60
C ASN C 94 21.33 -16.99 13.42
N GLU C 95 21.83 -17.41 12.26
CA GLU C 95 21.69 -16.64 11.02
C GLU C 95 20.25 -16.57 10.55
N GLU C 96 19.57 -17.72 10.55
CA GLU C 96 18.24 -17.83 9.97
C GLU C 96 17.24 -16.97 10.75
N ALA C 97 17.39 -16.95 12.06
CA ALA C 97 16.57 -16.09 12.92
C ALA C 97 16.76 -14.63 12.54
N LEU C 98 18.01 -14.22 12.33
CA LEU C 98 18.31 -12.85 11.97
C LEU C 98 17.73 -12.51 10.60
N ARG C 99 17.78 -13.48 9.69
CA ARG C 99 17.21 -13.31 8.36
C ARG C 99 15.71 -13.07 8.44
N GLN C 100 15.02 -13.89 9.23
CA GLN C 100 13.57 -13.79 9.36
C GLN C 100 13.17 -12.44 9.95
N ILE C 101 14.02 -11.91 10.81
CA ILE C 101 13.79 -10.62 11.43
C ILE C 101 13.93 -9.51 10.39
N LEU C 102 14.98 -9.59 9.59
CA LEU C 102 15.25 -8.56 8.58
C LEU C 102 14.24 -8.61 7.43
N ARG C 103 13.67 -9.79 7.17
CA ARG C 103 12.69 -9.94 6.10
C ARG C 103 11.42 -9.16 6.39
N GLU C 104 11.11 -8.99 7.67
CA GLU C 104 9.91 -8.28 8.09
C GLU C 104 10.29 -7.01 8.84
N SER C 105 11.50 -6.54 8.57
CA SER C 105 12.04 -5.36 9.24
C SER C 105 11.55 -4.09 8.55
N GLY C 106 11.26 -4.20 7.26
CA GLY C 106 10.88 -3.06 6.45
C GLY C 106 12.11 -2.28 6.02
N GLY C 107 13.28 -2.88 6.20
CA GLY C 107 14.54 -2.25 5.89
C GLY C 107 15.30 -1.85 7.13
N ILE C 108 16.46 -1.22 6.96
CA ILE C 108 17.29 -0.87 8.11
C ILE C 108 17.70 0.60 8.10
N ASP C 109 17.75 1.18 9.30
CA ASP C 109 18.27 2.52 9.51
C ASP C 109 19.52 2.43 10.38
N LYS C 110 20.66 2.85 9.86
CA LYS C 110 21.92 2.73 10.60
C LYS C 110 22.14 3.95 11.49
N GLU C 111 22.78 3.74 12.63
CA GLU C 111 23.12 4.82 13.54
C GLU C 111 24.48 4.55 14.19
N ALA C 112 25.34 5.56 14.18
CA ALA C 112 26.68 5.43 14.75
C ALA C 112 26.63 5.11 16.24
N MET C 113 27.51 4.21 16.67
CA MET C 113 27.57 3.79 18.06
C MET C 113 28.60 4.61 18.81
N GLY C 114 29.47 5.27 18.05
CA GLY C 114 30.38 6.25 18.60
C GLY C 114 31.48 5.69 19.48
N PHE C 115 32.23 4.73 18.94
CA PHE C 115 33.39 4.22 19.64
C PHE C 115 34.65 4.94 19.20
N THR C 116 35.47 5.36 20.16
CA THR C 116 36.73 6.01 19.89
C THR C 116 37.86 5.20 20.51
N TYR C 117 39.00 5.13 19.83
CA TYR C 117 40.07 4.23 20.26
C TYR C 117 41.42 4.94 20.41
N SER C 118 42.25 4.41 21.31
CA SER C 118 43.56 4.97 21.58
C SER C 118 44.58 3.87 21.87
N GLY C 119 45.76 3.96 21.24
CA GLY C 119 46.82 3.00 21.48
C GLY C 119 46.56 1.68 20.79
N ILE C 120 46.05 1.75 19.56
CA ILE C 120 45.48 0.60 18.88
C ILE C 120 45.23 0.93 17.41
N ARG C 121 45.37 -0.07 16.53
CA ARG C 121 45.02 0.12 15.13
C ARG C 121 43.54 -0.19 14.90
N THR C 122 42.91 0.53 13.98
CA THR C 122 41.52 0.28 13.63
C THR C 122 41.37 0.02 12.14
N ASN C 123 42.47 0.16 11.42
CA ASN C 123 42.48 0.08 9.96
C ASN C 123 42.67 -1.33 9.41
N GLY C 124 42.20 -2.32 10.16
CA GLY C 124 42.30 -3.71 9.74
C GLY C 124 41.59 -3.98 8.43
N ALA C 125 42.33 -4.47 7.44
CA ALA C 125 41.76 -4.72 6.12
C ALA C 125 42.19 -6.07 5.56
N THR C 126 41.56 -6.50 4.47
CA THR C 126 41.90 -7.78 3.85
C THR C 126 41.71 -7.77 2.33
N SER C 127 42.31 -8.77 1.68
CA SER C 127 42.22 -8.93 0.23
C SER C 127 40.84 -9.44 -0.20
N ALA C 128 40.09 -9.99 0.75
CA ALA C 128 38.81 -10.61 0.44
C ALA C 128 37.69 -9.58 0.33
N CYS C 129 37.82 -8.48 1.06
CA CYS C 129 36.83 -7.40 0.97
C CYS C 129 37.40 -6.28 0.12
N ARG C 130 37.80 -6.62 -1.11
CA ARG C 130 38.43 -5.64 -1.98
C ARG C 130 37.43 -4.58 -2.43
N ARG C 131 37.76 -3.33 -2.12
CA ARG C 131 36.98 -2.16 -2.51
C ARG C 131 37.98 -1.11 -2.97
N SER C 132 38.09 -0.92 -4.28
CA SER C 132 39.21 -0.21 -4.90
C SER C 132 40.49 -0.98 -4.56
N GLY C 133 40.96 -0.85 -3.33
CA GLY C 133 42.06 -1.66 -2.84
C GLY C 133 41.54 -2.61 -1.78
N SER C 134 42.43 -3.16 -0.97
CA SER C 134 42.02 -4.02 0.14
C SER C 134 41.23 -3.21 1.17
N SER C 135 40.15 -3.79 1.68
CA SER C 135 39.32 -3.10 2.67
C SER C 135 38.68 -4.07 3.65
N PHE C 136 37.57 -3.65 4.24
CA PHE C 136 36.93 -4.43 5.29
C PHE C 136 35.43 -4.13 5.31
N TYR C 137 34.71 -4.83 6.18
CA TYR C 137 33.28 -4.58 6.38
C TYR C 137 33.00 -3.11 6.73
N ALA C 138 32.03 -2.53 6.05
CA ALA C 138 31.79 -1.09 6.11
C ALA C 138 31.25 -0.63 7.46
N GLU C 139 30.55 -1.51 8.15
CA GLU C 139 29.92 -1.16 9.42
C GLU C 139 30.72 -1.69 10.59
N MET C 140 31.87 -2.29 10.30
CA MET C 140 32.68 -2.93 11.33
C MET C 140 34.11 -2.36 11.39
N LYS C 141 34.75 -2.59 12.53
CA LYS C 141 36.14 -2.18 12.75
C LYS C 141 36.97 -3.36 13.20
N TRP C 142 38.03 -3.65 12.46
CA TRP C 142 38.95 -4.72 12.83
C TRP C 142 40.06 -4.15 13.70
N LEU C 143 40.01 -4.44 14.99
CA LEU C 143 40.96 -3.88 15.94
C LEU C 143 42.23 -4.74 16.03
N LEU C 144 43.39 -4.09 15.93
CA LEU C 144 44.67 -4.78 16.06
C LEU C 144 45.46 -4.25 17.25
N SER C 145 46.72 -4.68 17.37
CA SER C 145 47.54 -4.25 18.50
C SER C 145 48.05 -2.84 18.28
N ASN C 146 49.05 -2.69 17.41
CA ASN C 146 49.58 -1.38 17.03
C ASN C 146 50.71 -1.48 16.01
N THR C 147 51.66 -2.37 16.29
CA THR C 147 52.81 -2.56 15.42
C THR C 147 52.87 -4.01 14.94
N ASP C 148 53.09 -4.92 15.90
CA ASP C 148 53.22 -6.35 15.64
C ASP C 148 53.53 -7.05 16.96
N ASN C 149 52.80 -8.11 17.26
CA ASN C 149 52.99 -8.87 18.50
C ASN C 149 52.85 -8.03 19.78
N ALA C 150 52.51 -6.76 19.62
CA ALA C 150 52.36 -5.87 20.75
C ALA C 150 51.15 -6.30 21.55
N ALA C 151 51.16 -5.98 22.84
CA ALA C 151 50.06 -6.40 23.70
C ALA C 151 48.81 -5.61 23.33
N PHE C 152 47.68 -6.29 23.27
CA PHE C 152 46.43 -5.61 22.99
C PHE C 152 45.84 -5.21 24.33
N PRO C 153 45.70 -3.90 24.55
CA PRO C 153 45.21 -3.37 25.82
C PRO C 153 43.80 -3.84 26.14
N GLN C 154 43.54 -4.20 27.39
CA GLN C 154 42.19 -4.52 27.81
C GLN C 154 41.33 -3.27 27.64
N MET C 155 40.18 -3.43 26.98
CA MET C 155 39.29 -2.32 26.74
C MET C 155 37.87 -2.63 27.18
N THR C 156 37.09 -1.57 27.36
CA THR C 156 35.69 -1.70 27.73
C THR C 156 34.88 -0.59 27.08
N LYS C 157 34.04 -0.96 26.12
CA LYS C 157 33.21 0.01 25.41
C LYS C 157 31.74 -0.28 25.65
N SER C 158 30.97 0.78 25.89
CA SER C 158 29.54 0.62 26.15
C SER C 158 28.72 1.50 25.21
N TYR C 159 27.46 1.15 25.06
CA TYR C 159 26.56 1.88 24.17
C TYR C 159 25.11 1.73 24.64
N LYS C 160 24.42 2.87 24.78
CA LYS C 160 23.01 2.84 25.16
C LYS C 160 22.11 3.14 23.97
N ASN C 161 21.00 2.40 23.86
CA ASN C 161 19.99 2.65 22.85
C ASN C 161 19.04 3.75 23.30
N THR C 162 19.28 4.96 22.83
CA THR C 162 18.50 6.12 23.26
C THR C 162 17.23 6.28 22.46
N ARG C 163 16.84 5.24 21.74
CA ARG C 163 15.66 5.30 20.88
C ARG C 163 14.49 4.51 21.46
N LYS C 164 13.38 4.51 20.74
CA LYS C 164 12.15 3.89 21.20
C LYS C 164 12.01 2.49 20.59
N SER C 165 12.94 2.16 19.70
CA SER C 165 12.94 0.87 19.03
C SER C 165 14.13 0.02 19.49
N PRO C 166 14.00 -1.31 19.38
CA PRO C 166 15.11 -2.21 19.73
C PRO C 166 16.32 -1.99 18.82
N ALA C 167 17.53 -2.16 19.35
CA ALA C 167 18.72 -1.93 18.56
C ALA C 167 19.39 -3.24 18.17
N LEU C 168 19.60 -3.43 16.87
CA LEU C 168 20.28 -4.61 16.36
C LEU C 168 21.78 -4.37 16.37
N ILE C 169 22.48 -5.09 17.24
CA ILE C 169 23.91 -4.91 17.42
C ILE C 169 24.67 -6.16 16.97
N VAL C 170 25.79 -5.96 16.28
CA VAL C 170 26.54 -7.07 15.69
C VAL C 170 28.03 -6.89 15.90
N TRP C 171 28.69 -7.94 16.37
CA TRP C 171 30.14 -7.93 16.57
C TRP C 171 30.69 -9.25 16.06
N GLY C 172 32.01 -9.35 15.91
CA GLY C 172 32.60 -10.55 15.37
C GLY C 172 33.78 -11.05 16.16
N ILE C 173 33.92 -12.37 16.23
CA ILE C 173 35.08 -12.97 16.86
C ILE C 173 35.97 -13.54 15.77
N HIS C 174 37.25 -13.18 15.80
CA HIS C 174 38.15 -13.58 14.73
C HIS C 174 38.90 -14.85 15.08
N HIS C 175 38.84 -15.82 14.18
CA HIS C 175 39.54 -17.09 14.37
C HIS C 175 40.71 -17.16 13.40
N SER C 176 41.91 -17.00 13.96
CA SER C 176 43.13 -16.93 13.16
C SER C 176 43.52 -18.33 12.68
N VAL C 177 44.39 -18.39 11.68
CA VAL C 177 44.82 -19.67 11.11
C VAL C 177 45.71 -20.43 12.11
N SER C 178 46.38 -19.69 12.97
CA SER C 178 47.31 -20.28 13.94
C SER C 178 47.43 -19.39 15.18
N THR C 179 47.96 -19.95 16.26
CA THR C 179 48.23 -19.17 17.45
C THR C 179 49.31 -18.13 17.15
N ALA C 180 50.13 -18.44 16.14
CA ALA C 180 51.15 -17.52 15.67
C ALA C 180 50.51 -16.28 15.07
N GLU C 181 49.49 -16.48 14.24
CA GLU C 181 48.81 -15.37 13.59
C GLU C 181 47.97 -14.61 14.61
N GLN C 182 47.46 -15.31 15.61
CA GLN C 182 46.69 -14.68 16.67
C GLN C 182 47.59 -13.78 17.52
N THR C 183 48.80 -14.25 17.81
CA THR C 183 49.76 -13.50 18.61
C THR C 183 50.27 -12.29 17.83
N LYS C 184 50.57 -12.51 16.55
CA LYS C 184 51.05 -11.46 15.67
C LYS C 184 50.08 -10.27 15.60
N LEU C 185 48.80 -10.54 15.79
CA LEU C 185 47.79 -9.49 15.67
C LEU C 185 47.36 -8.90 17.00
N TYR C 186 47.18 -9.73 18.02
CA TYR C 186 46.59 -9.27 19.28
C TYR C 186 47.49 -9.52 20.48
N GLY C 187 48.70 -10.02 20.23
CA GLY C 187 49.64 -10.31 21.29
C GLY C 187 49.47 -11.70 21.86
N SER C 188 50.36 -12.09 22.76
CA SER C 188 50.35 -13.43 23.33
C SER C 188 49.20 -13.62 24.29
N GLY C 189 49.14 -14.79 24.93
CA GLY C 189 48.15 -15.05 25.95
C GLY C 189 46.79 -15.38 25.39
N ASN C 190 45.99 -16.07 26.18
CA ASN C 190 44.62 -16.40 25.78
C ASN C 190 43.78 -15.13 25.69
N LYS C 191 42.84 -15.11 24.75
CA LYS C 191 42.04 -13.92 24.49
C LYS C 191 40.59 -14.14 24.90
N LEU C 192 39.99 -13.11 25.49
CA LEU C 192 38.61 -13.20 25.95
C LEU C 192 37.80 -12.00 25.48
N VAL C 193 36.55 -12.23 25.11
CA VAL C 193 35.63 -11.16 24.73
C VAL C 193 34.29 -11.38 25.44
N THR C 194 33.89 -10.42 26.29
CA THR C 194 32.64 -10.55 27.02
C THR C 194 31.61 -9.52 26.57
N VAL C 195 30.36 -9.94 26.49
CA VAL C 195 29.27 -9.08 26.04
C VAL C 195 28.20 -9.04 27.11
N GLY C 196 28.00 -7.87 27.72
CA GLY C 196 27.04 -7.73 28.79
C GLY C 196 25.88 -6.82 28.45
N SER C 197 24.67 -7.29 28.73
CA SER C 197 23.47 -6.49 28.52
C SER C 197 22.65 -6.49 29.81
N SER C 198 21.32 -6.38 29.68
CA SER C 198 20.45 -6.44 30.84
C SER C 198 19.39 -7.53 30.63
N ASN C 199 19.64 -8.38 29.64
CA ASN C 199 18.79 -9.52 29.33
C ASN C 199 19.59 -10.48 28.49
N TYR C 200 20.90 -10.20 28.40
CA TYR C 200 21.81 -10.99 27.61
C TYR C 200 23.18 -11.04 28.27
N GLN C 201 23.77 -12.22 28.27
CA GLN C 201 25.09 -12.44 28.83
C GLN C 201 25.72 -13.62 28.12
N GLN C 202 26.86 -13.37 27.48
CA GLN C 202 27.56 -14.42 26.76
C GLN C 202 29.04 -14.14 26.82
N SER C 203 29.85 -15.10 26.37
CA SER C 203 31.28 -14.92 26.36
C SER C 203 31.90 -15.59 25.15
N PHE C 204 33.07 -15.10 24.73
CA PHE C 204 33.68 -15.60 23.51
C PHE C 204 35.19 -15.74 23.66
N VAL C 205 35.69 -16.87 23.17
CA VAL C 205 37.12 -17.15 23.15
C VAL C 205 37.45 -17.53 21.72
N PRO C 206 38.56 -17.01 21.19
CA PRO C 206 38.91 -17.37 19.81
C PRO C 206 39.43 -18.79 19.69
N SER C 207 39.31 -19.37 18.51
CA SER C 207 39.76 -20.73 18.28
C SER C 207 40.66 -20.80 17.06
N PRO C 208 41.93 -20.39 17.22
CA PRO C 208 42.87 -20.43 16.11
C PRO C 208 43.20 -21.87 15.70
N GLY C 209 43.29 -22.11 14.39
CA GLY C 209 43.56 -23.45 13.89
C GLY C 209 43.44 -23.52 12.38
N ALA C 210 44.11 -24.52 11.79
CA ALA C 210 44.13 -24.66 10.34
C ALA C 210 42.74 -24.98 9.80
N ARG C 211 42.39 -24.34 8.68
CA ARG C 211 41.09 -24.52 8.05
C ARG C 211 41.23 -24.47 6.55
N PRO C 212 40.26 -25.01 5.81
CA PRO C 212 40.29 -24.93 4.35
C PRO C 212 40.38 -23.49 3.88
N GLN C 213 41.12 -23.25 2.79
CA GLN C 213 41.23 -21.90 2.25
C GLN C 213 39.96 -21.50 1.51
N VAL C 214 39.33 -20.42 1.95
CA VAL C 214 38.19 -19.84 1.26
C VAL C 214 38.57 -18.47 0.72
N ASN C 215 38.45 -18.29 -0.59
CA ASN C 215 38.94 -17.09 -1.27
C ASN C 215 40.43 -16.86 -0.99
N GLY C 216 41.16 -17.95 -0.77
CA GLY C 216 42.57 -17.90 -0.49
C GLY C 216 42.94 -17.76 0.98
N LEU C 217 41.94 -17.69 1.86
CA LEU C 217 42.18 -17.50 3.28
C LEU C 217 41.67 -18.65 4.14
N SER C 218 42.39 -18.93 5.22
CA SER C 218 42.02 -20.01 6.15
C SER C 218 41.43 -19.45 7.43
N GLY C 219 41.25 -18.14 7.48
CA GLY C 219 40.74 -17.49 8.67
C GLY C 219 39.22 -17.38 8.66
N ARG C 220 38.63 -17.31 9.86
CA ARG C 220 37.18 -17.25 9.98
C ARG C 220 36.74 -16.15 10.95
N ILE C 221 35.71 -15.42 10.54
CA ILE C 221 35.04 -14.47 11.42
C ILE C 221 33.59 -14.91 11.62
N ASP C 222 33.25 -15.35 12.83
CA ASP C 222 31.87 -15.74 13.11
C ASP C 222 31.18 -14.56 13.80
N PHE C 223 30.10 -14.09 13.19
CA PHE C 223 29.41 -12.91 13.69
C PHE C 223 28.36 -13.30 14.72
N HIS C 224 28.17 -12.42 15.70
CA HIS C 224 27.12 -12.61 16.70
C HIS C 224 26.30 -11.34 16.82
N TRP C 225 25.06 -11.50 17.24
CA TRP C 225 24.14 -10.38 17.32
C TRP C 225 23.18 -10.50 18.49
N LEU C 226 22.67 -9.36 18.94
CA LEU C 226 21.62 -9.33 19.94
C LEU C 226 20.71 -8.12 19.66
N MET C 227 19.53 -8.12 20.25
CA MET C 227 18.67 -6.96 20.15
C MET C 227 18.74 -6.19 21.47
N LEU C 228 19.09 -4.91 21.37
CA LEU C 228 19.20 -4.08 22.55
C LEU C 228 17.89 -3.35 22.83
N ASN C 229 17.37 -3.58 24.03
CA ASN C 229 16.14 -2.91 24.46
C ASN C 229 16.36 -1.42 24.64
N PRO C 230 15.32 -0.62 24.42
CA PRO C 230 15.36 0.84 24.64
C PRO C 230 15.91 1.22 26.01
N ASN C 231 16.75 2.25 26.05
CA ASN C 231 17.32 2.77 27.30
C ASN C 231 18.27 1.80 28.02
N ASP C 232 18.44 0.60 27.45
CA ASP C 232 19.36 -0.40 27.99
C ASP C 232 20.76 -0.21 27.39
N THR C 233 21.75 -0.89 27.96
CA THR C 233 23.14 -0.71 27.57
C THR C 233 23.81 -2.06 27.28
N VAL C 234 24.68 -2.09 26.27
CA VAL C 234 25.56 -3.24 26.07
C VAL C 234 26.99 -2.83 26.40
N THR C 235 27.76 -3.77 26.94
CA THR C 235 29.15 -3.51 27.28
C THR C 235 30.04 -4.55 26.62
N PHE C 236 31.10 -4.09 25.97
CA PHE C 236 32.06 -4.98 25.33
C PHE C 236 33.41 -4.90 26.01
N SER C 237 33.74 -5.92 26.80
CA SER C 237 35.04 -5.99 27.43
C SER C 237 35.85 -7.05 26.67
N PHE C 238 37.04 -6.67 26.23
CA PHE C 238 37.83 -7.52 25.35
C PHE C 238 39.31 -7.14 25.39
N ASN C 239 40.13 -7.98 24.77
CA ASN C 239 41.57 -7.74 24.73
C ASN C 239 42.19 -8.30 23.45
N GLY C 240 41.38 -8.42 22.41
CA GLY C 240 41.87 -8.89 21.12
C GLY C 240 40.89 -9.81 20.40
N ALA C 241 41.20 -10.13 19.14
CA ALA C 241 40.38 -11.00 18.30
C ALA C 241 38.94 -10.49 18.24
N PHE C 242 38.78 -9.17 18.31
CA PHE C 242 37.46 -8.56 18.38
C PHE C 242 37.15 -7.74 17.14
N ILE C 243 36.00 -8.03 16.54
CA ILE C 243 35.50 -7.23 15.41
C ILE C 243 34.42 -6.29 15.92
N ALA C 244 34.79 -5.03 16.07
CA ALA C 244 33.93 -4.05 16.71
C ALA C 244 32.94 -3.46 15.73
N PRO C 245 31.72 -3.16 16.21
CA PRO C 245 30.72 -2.50 15.39
C PRO C 245 30.94 -0.98 15.38
N ASP C 246 30.62 -0.33 14.27
CA ASP C 246 30.72 1.11 14.18
C ASP C 246 29.34 1.74 14.25
N ARG C 247 28.36 1.04 13.68
CA ARG C 247 27.00 1.53 13.65
C ARG C 247 26.00 0.43 14.01
N ALA C 248 24.88 0.82 14.60
CA ALA C 248 23.83 -0.12 14.94
C ALA C 248 22.76 -0.09 13.86
N SER C 249 21.90 -1.10 13.83
CA SER C 249 20.85 -1.17 12.82
C SER C 249 19.48 -1.08 13.47
N PHE C 250 18.56 -0.40 12.81
CA PHE C 250 17.20 -0.27 13.31
C PHE C 250 16.17 -0.66 12.26
N LEU C 251 15.13 -1.37 12.70
CA LEU C 251 14.11 -1.87 11.80
C LEU C 251 13.20 -0.72 11.40
N ARG C 252 12.92 -0.61 10.10
CA ARG C 252 12.14 0.52 9.59
C ARG C 252 10.65 0.37 9.87
N GLY C 253 10.10 -0.80 9.56
CA GLY C 253 8.68 -1.04 9.75
C GLY C 253 8.26 -2.48 9.51
N LYS C 254 7.67 -2.72 8.34
CA LYS C 254 7.17 -4.06 8.02
C LYS C 254 7.42 -4.37 6.54
N SER C 255 7.81 -5.60 6.25
CA SER C 255 8.04 -6.03 4.87
C SER C 255 7.93 -7.55 4.73
N MET C 256 8.28 -8.06 3.55
CA MET C 256 8.30 -9.50 3.30
C MET C 256 9.44 -9.88 2.37
N GLY C 257 10.14 -10.96 2.71
CA GLY C 257 11.28 -11.42 1.94
C GLY C 257 11.02 -12.77 1.31
N ILE C 258 11.60 -13.00 0.13
CA ILE C 258 11.48 -14.28 -0.57
C ILE C 258 12.81 -14.76 -1.15
N GLN C 259 12.86 -16.04 -1.48
CA GLN C 259 13.96 -16.62 -2.24
C GLN C 259 13.46 -16.96 -3.63
N SER C 260 14.17 -16.53 -4.66
CA SER C 260 13.69 -16.72 -6.03
C SER C 260 14.81 -16.92 -7.04
N GLY C 261 14.45 -17.41 -8.22
CA GLY C 261 15.38 -17.57 -9.31
C GLY C 261 14.84 -17.02 -10.62
N VAL C 262 13.87 -16.11 -10.53
CA VAL C 262 13.25 -15.53 -11.72
C VAL C 262 13.28 -14.01 -11.68
N GLN C 263 13.17 -13.39 -12.86
CA GLN C 263 13.30 -11.94 -13.01
C GLN C 263 12.18 -11.17 -12.30
N VAL C 264 12.30 -9.85 -12.30
CA VAL C 264 11.36 -9.00 -11.60
C VAL C 264 10.37 -8.35 -12.58
N ASP C 265 9.15 -8.10 -12.11
CA ASP C 265 8.15 -7.39 -12.91
C ASP C 265 7.46 -6.34 -12.04
N ALA C 266 7.54 -5.09 -12.46
CA ALA C 266 6.93 -4.00 -11.71
C ALA C 266 5.55 -3.70 -12.28
N ASN C 267 5.14 -4.51 -13.25
CA ASN C 267 3.86 -4.33 -13.92
C ASN C 267 2.79 -5.25 -13.35
N CYS C 268 3.15 -6.51 -13.11
CA CYS C 268 2.24 -7.46 -12.48
C CYS C 268 2.16 -7.23 -10.97
N GLU C 269 0.98 -7.39 -10.40
CA GLU C 269 0.78 -7.23 -8.96
C GLU C 269 0.31 -8.51 -8.27
N GLY C 270 1.08 -8.97 -7.29
CA GLY C 270 0.77 -10.22 -6.60
C GLY C 270 0.83 -10.12 -5.09
N ASP C 271 0.51 -11.22 -4.41
CA ASP C 271 0.54 -11.29 -2.95
C ASP C 271 0.86 -12.70 -2.47
N CYS C 272 1.20 -13.58 -3.40
CA CYS C 272 1.64 -14.93 -3.06
C CYS C 272 2.86 -15.27 -3.92
N TYR C 273 3.96 -15.61 -3.26
CA TYR C 273 5.23 -15.80 -3.96
C TYR C 273 5.83 -17.17 -3.72
N HIS C 274 6.70 -17.60 -4.63
CA HIS C 274 7.52 -18.78 -4.45
C HIS C 274 8.80 -18.66 -5.27
N SER C 275 9.66 -19.66 -5.17
CA SER C 275 10.98 -19.61 -5.81
C SER C 275 10.91 -19.56 -7.33
N GLY C 276 9.80 -20.00 -7.90
CA GLY C 276 9.64 -20.08 -9.34
C GLY C 276 8.87 -18.93 -9.95
N GLY C 277 8.35 -18.04 -9.12
CA GLY C 277 7.61 -16.88 -9.60
C GLY C 277 6.49 -16.47 -8.68
N THR C 278 5.40 -15.98 -9.27
CA THR C 278 4.26 -15.47 -8.51
C THR C 278 2.98 -16.22 -8.86
N ILE C 279 2.13 -16.46 -7.86
CA ILE C 279 0.84 -17.12 -8.06
C ILE C 279 -0.35 -16.18 -7.91
N ILE C 280 -1.06 -15.95 -9.01
CA ILE C 280 -2.28 -15.13 -8.99
C ILE C 280 -3.50 -15.97 -9.32
N SER C 281 -4.40 -16.10 -8.35
CA SER C 281 -5.57 -16.96 -8.51
C SER C 281 -6.64 -16.67 -7.47
N ASN C 282 -7.90 -16.85 -7.86
CA ASN C 282 -9.01 -16.74 -6.93
C ASN C 282 -9.41 -18.11 -6.41
N LEU C 283 -8.76 -19.14 -6.94
CA LEU C 283 -9.02 -20.50 -6.51
C LEU C 283 -8.54 -20.64 -5.06
N PRO C 284 -9.31 -21.40 -4.26
CA PRO C 284 -8.98 -21.58 -2.84
C PRO C 284 -7.74 -22.44 -2.66
N PHE C 285 -7.43 -23.25 -3.66
CA PHE C 285 -6.30 -24.17 -3.55
C PHE C 285 -5.34 -24.05 -4.72
N GLN C 286 -4.12 -24.53 -4.52
CA GLN C 286 -3.07 -24.52 -5.53
C GLN C 286 -2.18 -25.74 -5.34
N ASN C 287 -1.51 -26.18 -6.41
CA ASN C 287 -0.62 -27.34 -6.33
C ASN C 287 0.74 -27.03 -6.94
N ILE C 288 1.19 -25.78 -6.79
CA ILE C 288 2.43 -25.35 -7.41
C ILE C 288 3.62 -25.46 -6.46
N ASP C 289 3.50 -24.91 -5.25
CA ASP C 289 4.57 -25.01 -4.27
C ASP C 289 4.03 -24.92 -2.85
N SER C 290 4.39 -25.90 -2.03
CA SER C 290 3.90 -25.98 -0.66
C SER C 290 4.50 -24.91 0.23
N ARG C 291 5.71 -24.48 -0.10
CA ARG C 291 6.42 -23.50 0.71
C ARG C 291 6.17 -22.10 0.19
N ALA C 292 5.09 -21.95 -0.56
CA ALA C 292 4.66 -20.65 -1.05
C ALA C 292 4.28 -19.79 0.15
N VAL C 293 4.62 -18.51 0.09
CA VAL C 293 4.39 -17.60 1.21
C VAL C 293 3.66 -16.34 0.78
N GLY C 294 3.09 -15.63 1.74
CA GLY C 294 2.27 -14.47 1.47
C GLY C 294 0.81 -14.79 1.73
N LYS C 295 -0.09 -14.11 1.03
CA LYS C 295 -1.51 -14.43 1.10
C LYS C 295 -1.81 -15.35 -0.06
N CYS C 296 -1.94 -16.63 0.23
CA CYS C 296 -1.98 -17.64 -0.82
C CYS C 296 -3.18 -18.57 -0.69
N PRO C 297 -3.57 -19.17 -1.83
CA PRO C 297 -4.51 -20.29 -1.75
C PRO C 297 -3.85 -21.43 -1.00
N ARG C 298 -4.62 -22.31 -0.39
CA ARG C 298 -4.05 -23.38 0.41
C ARG C 298 -3.43 -24.41 -0.52
N TYR C 299 -2.29 -24.96 -0.13
CA TYR C 299 -1.63 -25.94 -0.97
C TYR C 299 -2.24 -27.33 -0.77
N VAL C 300 -2.49 -28.04 -1.86
CA VAL C 300 -3.05 -29.39 -1.78
C VAL C 300 -2.28 -30.37 -2.68
N LYS C 301 -2.37 -31.66 -2.36
CA LYS C 301 -1.65 -32.72 -3.07
C LYS C 301 -2.11 -32.94 -4.50
N GLN C 302 -3.41 -32.84 -4.74
CA GLN C 302 -3.97 -33.18 -6.04
C GLN C 302 -3.76 -32.05 -7.03
N ARG C 303 -3.49 -32.40 -8.27
CA ARG C 303 -3.23 -31.41 -9.32
C ARG C 303 -4.53 -30.82 -9.86
N SER C 304 -5.64 -31.48 -9.57
CA SER C 304 -6.92 -31.05 -10.10
C SER C 304 -8.12 -31.49 -9.24
N LEU C 305 -9.02 -30.54 -8.98
CA LEU C 305 -10.30 -30.82 -8.35
C LEU C 305 -11.38 -29.96 -9.00
N LEU C 306 -12.23 -30.60 -9.80
CA LEU C 306 -13.23 -29.88 -10.58
C LEU C 306 -14.53 -29.67 -9.81
N LEU C 307 -15.01 -28.43 -9.79
CA LEU C 307 -16.26 -28.12 -9.12
C LEU C 307 -17.40 -27.94 -10.12
N ALA C 308 -18.43 -28.78 -9.98
CA ALA C 308 -19.58 -28.74 -10.88
C ALA C 308 -20.34 -27.43 -10.78
N THR C 309 -20.55 -26.78 -11.92
CA THR C 309 -21.28 -25.52 -11.97
C THR C 309 -22.59 -25.70 -12.75
N GLY C 310 -23.03 -26.93 -12.90
CA GLY C 310 -24.25 -27.26 -13.61
C GLY C 310 -24.85 -28.56 -13.13
N MET C 311 -26.02 -28.92 -13.63
CA MET C 311 -26.68 -30.14 -13.20
C MET C 311 -26.04 -31.37 -13.82
N LYS C 312 -26.48 -32.55 -13.38
CA LYS C 312 -26.02 -33.80 -13.95
C LYS C 312 -26.42 -33.89 -15.42
N ASN C 313 -25.45 -34.23 -16.27
CA ASN C 313 -25.70 -34.29 -17.71
C ASN C 313 -26.22 -35.66 -18.14
N VAL C 314 -27.46 -35.69 -18.60
CA VAL C 314 -28.09 -36.92 -19.05
C VAL C 314 -28.47 -36.83 -20.53
N PRO C 315 -27.82 -37.65 -21.36
CA PRO C 315 -27.96 -37.57 -22.83
C PRO C 315 -29.37 -37.89 -23.31
N GLU C 316 -29.80 -37.21 -24.36
CA GLU C 316 -31.14 -37.39 -24.91
C GLU C 316 -31.28 -38.75 -25.58
N ILE C 317 -32.40 -39.41 -25.37
CA ILE C 317 -32.66 -40.69 -26.01
C ILE C 317 -32.97 -40.52 -27.48
N PRO C 318 -32.10 -41.04 -28.35
CA PRO C 318 -32.20 -40.87 -29.80
C PRO C 318 -33.23 -41.81 -30.43
N GLY D 4 -42.07 -40.26 -33.95
CA GLY D 4 -42.05 -38.81 -33.82
C GLY D 4 -42.66 -38.34 -32.51
N ALA D 5 -42.45 -39.12 -31.45
CA ALA D 5 -42.97 -38.77 -30.13
C ALA D 5 -41.98 -37.90 -29.38
N ILE D 6 -42.45 -37.25 -28.32
CA ILE D 6 -41.58 -36.45 -27.46
C ILE D 6 -41.52 -36.99 -26.05
N ALA D 7 -40.45 -36.66 -25.34
CA ALA D 7 -40.28 -37.09 -23.96
C ALA D 7 -39.61 -35.99 -23.13
N GLY D 8 -39.92 -35.95 -21.84
CA GLY D 8 -39.37 -34.95 -20.94
C GLY D 8 -38.21 -35.49 -20.13
N PHE D 9 -38.06 -35.01 -18.90
CA PHE D 9 -37.05 -35.56 -17.99
C PHE D 9 -37.45 -36.98 -17.58
N ILE D 10 -36.71 -37.56 -16.64
CA ILE D 10 -36.76 -39.00 -16.34
C ILE D 10 -36.26 -39.77 -17.56
N GLU D 11 -35.03 -40.27 -17.46
CA GLU D 11 -34.33 -40.92 -18.59
C GLU D 11 -34.27 -40.04 -19.83
N ASN D 12 -33.48 -38.95 -19.70
CA ASN D 12 -32.88 -38.11 -20.76
C ASN D 12 -33.23 -36.63 -20.62
N GLY D 13 -32.29 -35.78 -21.01
CA GLY D 13 -32.49 -34.34 -21.07
C GLY D 13 -32.60 -33.95 -22.52
N TRP D 14 -32.59 -32.65 -22.81
CA TRP D 14 -32.78 -32.18 -24.18
C TRP D 14 -31.55 -31.46 -24.70
N GLU D 15 -30.85 -32.10 -25.63
CA GLU D 15 -29.62 -31.53 -26.18
C GLU D 15 -29.90 -30.41 -27.17
N GLY D 16 -31.18 -30.17 -27.42
CA GLY D 16 -31.60 -29.09 -28.30
C GLY D 16 -31.95 -27.88 -27.47
N LEU D 17 -32.17 -28.11 -26.18
CA LEU D 17 -32.46 -27.03 -25.25
C LEU D 17 -31.19 -26.21 -25.03
N ILE D 18 -31.09 -25.11 -25.77
CA ILE D 18 -29.86 -24.30 -25.82
C ILE D 18 -30.08 -22.86 -25.37
N ASP D 19 -31.26 -22.56 -24.86
CA ASP D 19 -31.57 -21.20 -24.41
C ASP D 19 -31.86 -21.15 -22.91
N GLY D 20 -31.63 -22.27 -22.23
CA GLY D 20 -31.90 -22.36 -20.81
C GLY D 20 -31.48 -23.71 -20.23
N TRP D 21 -31.61 -23.84 -18.92
CA TRP D 21 -31.29 -25.10 -18.25
C TRP D 21 -32.53 -25.98 -18.21
N TYR D 22 -33.68 -25.37 -17.96
CA TYR D 22 -34.96 -26.06 -18.00
C TYR D 22 -35.83 -25.44 -19.08
N GLY D 23 -36.75 -26.21 -19.64
CA GLY D 23 -37.59 -25.70 -20.72
C GLY D 23 -38.87 -26.45 -20.98
N PHE D 24 -39.66 -25.93 -21.92
CA PHE D 24 -40.93 -26.54 -22.30
C PHE D 24 -40.88 -27.16 -23.68
N ARG D 25 -41.50 -28.32 -23.82
CA ARG D 25 -41.63 -28.97 -25.11
C ARG D 25 -43.06 -29.47 -25.28
N HIS D 26 -43.73 -28.99 -26.32
CA HIS D 26 -45.14 -29.31 -26.52
C HIS D 26 -45.38 -29.86 -27.92
N GLN D 27 -46.52 -30.51 -28.12
CA GLN D 27 -46.95 -30.89 -29.44
C GLN D 27 -48.46 -30.71 -29.60
N ASN D 28 -48.86 -30.04 -30.67
CA ASN D 28 -50.27 -29.82 -30.98
C ASN D 28 -50.53 -29.86 -32.47
N ALA D 29 -51.66 -29.30 -32.88
CA ALA D 29 -52.03 -29.22 -34.29
C ALA D 29 -51.04 -28.39 -35.08
N GLN D 30 -50.45 -27.38 -34.43
CA GLN D 30 -49.51 -26.48 -35.10
C GLN D 30 -48.14 -27.13 -35.30
N GLY D 31 -47.92 -28.27 -34.66
CA GLY D 31 -46.65 -28.96 -34.76
C GLY D 31 -45.97 -29.05 -33.40
N GLU D 32 -44.65 -29.15 -33.41
CA GLU D 32 -43.88 -29.27 -32.17
C GLU D 32 -43.07 -28.00 -31.90
N GLY D 33 -42.92 -27.65 -30.63
CA GLY D 33 -42.18 -26.46 -30.24
C GLY D 33 -41.40 -26.61 -28.94
N THR D 34 -40.35 -25.80 -28.78
CA THR D 34 -39.50 -25.86 -27.60
C THR D 34 -39.07 -24.48 -27.10
N ALA D 35 -39.38 -24.17 -25.84
CA ALA D 35 -39.00 -22.90 -25.23
C ALA D 35 -38.45 -23.14 -23.83
N ALA D 36 -37.58 -22.25 -23.36
CA ALA D 36 -36.95 -22.40 -22.05
C ALA D 36 -37.64 -21.55 -20.97
N ASP D 37 -37.62 -22.05 -19.74
CA ASP D 37 -38.17 -21.29 -18.60
C ASP D 37 -37.08 -20.53 -17.88
N TYR D 38 -37.30 -19.23 -17.69
CA TYR D 38 -36.29 -18.33 -17.14
C TYR D 38 -36.11 -18.45 -15.63
N LYS D 39 -37.22 -18.36 -14.89
CA LYS D 39 -37.18 -18.34 -13.43
C LYS D 39 -36.48 -19.58 -12.86
N SER D 40 -36.77 -20.75 -13.45
CA SER D 40 -36.16 -22.00 -12.99
C SER D 40 -34.68 -22.07 -13.39
N THR D 41 -34.39 -21.63 -14.62
CA THR D 41 -33.02 -21.60 -15.11
C THR D 41 -32.19 -20.61 -14.29
N GLN D 42 -32.78 -19.44 -14.04
CA GLN D 42 -32.07 -18.40 -13.30
C GLN D 42 -31.87 -18.78 -11.84
N SER D 43 -32.87 -19.42 -11.24
CA SER D 43 -32.78 -19.86 -9.85
C SER D 43 -31.57 -20.76 -9.61
N ALA D 44 -31.41 -21.76 -10.48
CA ALA D 44 -30.30 -22.70 -10.35
C ALA D 44 -28.96 -22.00 -10.56
N ILE D 45 -28.90 -21.16 -11.59
CA ILE D 45 -27.69 -20.40 -11.91
C ILE D 45 -27.28 -19.51 -10.73
N ASP D 46 -28.27 -18.89 -10.09
CA ASP D 46 -28.02 -18.03 -8.92
C ASP D 46 -27.40 -18.84 -7.79
N GLN D 47 -27.84 -20.07 -7.63
CA GLN D 47 -27.32 -20.95 -6.58
C GLN D 47 -25.89 -21.38 -6.89
N ILE D 48 -25.62 -21.65 -8.17
CA ILE D 48 -24.29 -22.09 -8.60
C ILE D 48 -23.31 -20.94 -8.43
N THR D 49 -23.69 -19.75 -8.87
CA THR D 49 -22.86 -18.57 -8.71
C THR D 49 -22.72 -18.21 -7.23
N GLY D 50 -23.73 -18.59 -6.45
CA GLY D 50 -23.69 -18.41 -5.01
C GLY D 50 -22.61 -19.23 -4.34
N LYS D 51 -22.41 -20.46 -4.84
CA LYS D 51 -21.34 -21.31 -4.34
C LYS D 51 -19.97 -20.77 -4.71
N LEU D 52 -19.83 -20.33 -5.97
CA LEU D 52 -18.56 -19.83 -6.48
C LEU D 52 -18.07 -18.60 -5.73
N ASN D 53 -18.98 -17.65 -5.50
CA ASN D 53 -18.63 -16.41 -4.81
C ASN D 53 -18.12 -16.69 -3.39
N ARG D 54 -18.74 -17.65 -2.72
CA ARG D 54 -18.32 -18.06 -1.38
C ARG D 54 -16.90 -18.66 -1.41
N LEU D 55 -16.58 -19.35 -2.48
CA LEU D 55 -15.28 -20.02 -2.61
C LEU D 55 -14.25 -19.11 -3.27
N ILE D 56 -14.68 -17.90 -3.59
CA ILE D 56 -13.79 -16.89 -4.17
C ILE D 56 -13.31 -15.99 -3.02
N GLU D 57 -14.07 -16.03 -1.92
CA GLU D 57 -13.76 -15.29 -0.70
C GLU D 57 -12.34 -15.61 -0.21
N LYS D 58 -11.42 -14.69 -0.47
CA LYS D 58 -10.02 -14.89 -0.12
C LYS D 58 -9.74 -14.71 1.35
N THR D 59 -8.62 -15.28 1.80
CA THR D 59 -8.15 -15.11 3.16
C THR D 59 -7.09 -14.02 3.20
N ASN D 60 -7.06 -13.25 4.28
CA ASN D 60 -6.07 -12.20 4.43
C ASN D 60 -4.86 -12.66 5.25
N GLN D 61 -4.84 -13.94 5.61
CA GLN D 61 -3.72 -14.47 6.39
C GLN D 61 -2.47 -14.60 5.55
N GLN D 62 -1.45 -13.86 5.92
CA GLN D 62 -0.16 -13.91 5.24
C GLN D 62 0.85 -14.73 6.04
N PHE D 63 1.58 -15.57 5.32
CA PHE D 63 2.64 -16.37 5.93
C PHE D 63 3.97 -15.97 5.34
N GLU D 64 5.01 -16.00 6.18
CA GLU D 64 6.36 -15.66 5.74
C GLU D 64 7.24 -16.89 5.81
N LEU D 65 8.41 -16.82 5.20
CA LEU D 65 9.33 -17.96 5.15
C LEU D 65 9.67 -18.45 6.56
N ILE D 66 9.71 -19.77 6.73
CA ILE D 66 10.01 -20.37 8.02
C ILE D 66 11.22 -21.28 7.91
N ASP D 67 11.63 -21.56 6.67
CA ASP D 67 12.84 -22.32 6.41
C ASP D 67 13.61 -21.72 5.25
N ASN D 68 14.52 -22.50 4.69
CA ASN D 68 15.44 -21.99 3.69
C ASN D 68 15.78 -23.07 2.65
N GLU D 69 15.75 -22.70 1.37
CA GLU D 69 16.07 -23.64 0.31
C GLU D 69 17.43 -23.34 -0.30
N PHE D 70 18.09 -22.31 0.22
CA PHE D 70 19.48 -22.01 -0.12
C PHE D 70 20.41 -22.55 0.97
N ASN D 71 20.15 -22.15 2.21
CA ASN D 71 20.92 -22.62 3.34
C ASN D 71 20.05 -23.47 4.26
N GLU D 72 20.11 -24.79 4.07
CA GLU D 72 19.25 -25.70 4.82
C GLU D 72 19.46 -25.52 6.32
N VAL D 73 18.36 -25.40 7.04
CA VAL D 73 18.40 -25.16 8.49
C VAL D 73 18.86 -26.39 9.25
N GLU D 74 18.89 -26.29 10.57
CA GLU D 74 19.29 -27.41 11.41
C GLU D 74 18.32 -28.56 11.22
N LYS D 75 18.86 -29.78 11.23
CA LYS D 75 18.08 -31.00 10.94
C LYS D 75 16.84 -31.16 11.82
N GLN D 76 17.02 -31.10 13.13
CA GLN D 76 15.94 -31.39 14.07
C GLN D 76 14.77 -30.44 13.88
N ILE D 77 15.03 -29.13 13.92
CA ILE D 77 13.98 -28.15 13.72
C ILE D 77 13.52 -28.19 12.27
N GLY D 78 14.41 -28.60 11.37
CA GLY D 78 14.08 -28.69 9.96
C GLY D 78 13.09 -29.81 9.71
N ASN D 79 13.37 -30.97 10.30
CA ASN D 79 12.48 -32.12 10.18
C ASN D 79 11.14 -31.89 10.88
N VAL D 80 11.15 -31.08 11.95
CA VAL D 80 9.92 -30.72 12.64
C VAL D 80 9.04 -29.86 11.73
N ILE D 81 9.66 -28.92 11.04
CA ILE D 81 8.96 -28.05 10.10
C ILE D 81 8.28 -28.88 9.00
N ASN D 82 9.04 -29.77 8.39
CA ASN D 82 8.53 -30.66 7.35
C ASN D 82 7.41 -31.56 7.87
N TRP D 83 7.64 -32.17 9.03
CA TRP D 83 6.63 -33.01 9.67
C TRP D 83 5.36 -32.22 10.00
N THR D 84 5.54 -30.94 10.37
CA THR D 84 4.42 -30.08 10.68
C THR D 84 3.71 -29.66 9.39
N ARG D 85 4.49 -29.34 8.36
CA ARG D 85 3.94 -28.87 7.09
C ARG D 85 3.14 -29.93 6.35
N ASP D 86 3.74 -31.11 6.18
CA ASP D 86 3.08 -32.20 5.47
C ASP D 86 1.82 -32.67 6.19
N SER D 87 1.85 -32.61 7.52
CA SER D 87 0.68 -32.97 8.31
C SER D 87 -0.46 -32.01 8.04
N ILE D 88 -0.12 -30.74 7.83
CA ILE D 88 -1.11 -29.70 7.51
C ILE D 88 -1.56 -29.82 6.04
N THR D 89 -0.62 -30.14 5.16
CA THR D 89 -0.93 -30.34 3.74
C THR D 89 -1.91 -31.51 3.59
N GLU D 90 -1.73 -32.54 4.41
CA GLU D 90 -2.65 -33.67 4.45
C GLU D 90 -4.06 -33.22 4.78
N VAL D 91 -4.18 -32.19 5.64
CA VAL D 91 -5.47 -31.67 6.05
C VAL D 91 -6.19 -30.92 4.92
N TRP D 92 -5.48 -29.99 4.28
CA TRP D 92 -6.08 -29.17 3.22
C TRP D 92 -6.41 -30.00 1.98
N SER D 93 -5.62 -31.02 1.71
CA SER D 93 -5.90 -31.93 0.60
C SER D 93 -7.22 -32.66 0.84
N TYR D 94 -7.40 -33.14 2.08
CA TYR D 94 -8.65 -33.78 2.48
C TYR D 94 -9.82 -32.82 2.43
N ASN D 95 -9.65 -31.66 3.06
CA ASN D 95 -10.69 -30.63 3.08
C ASN D 95 -11.14 -30.24 1.68
N ALA D 96 -10.19 -30.02 0.79
CA ALA D 96 -10.48 -29.68 -0.60
C ALA D 96 -11.25 -30.80 -1.29
N GLU D 97 -10.74 -32.02 -1.12
CA GLU D 97 -11.36 -33.20 -1.72
C GLU D 97 -12.80 -33.38 -1.24
N LEU D 98 -12.98 -33.30 0.06
CA LEU D 98 -14.31 -33.49 0.66
C LEU D 98 -15.25 -32.36 0.28
N LEU D 99 -14.76 -31.12 0.33
CA LEU D 99 -15.58 -29.96 -0.02
C LEU D 99 -16.15 -30.07 -1.42
N VAL D 100 -15.30 -30.38 -2.39
CA VAL D 100 -15.72 -30.53 -3.78
C VAL D 100 -16.71 -31.68 -3.93
N ALA D 101 -16.37 -32.81 -3.32
CA ALA D 101 -17.25 -33.97 -3.35
C ALA D 101 -18.60 -33.66 -2.71
N MET D 102 -18.57 -32.89 -1.62
CA MET D 102 -19.79 -32.55 -0.88
C MET D 102 -20.66 -31.56 -1.63
N GLU D 103 -20.05 -30.47 -2.08
CA GLU D 103 -20.78 -29.44 -2.82
C GLU D 103 -21.39 -29.98 -4.10
N ASN D 104 -20.63 -30.82 -4.80
CA ASN D 104 -21.10 -31.41 -6.06
C ASN D 104 -22.32 -32.31 -5.84
N GLN D 105 -22.31 -33.10 -4.77
CA GLN D 105 -23.46 -33.92 -4.41
C GLN D 105 -24.64 -33.02 -4.09
N HIS D 106 -24.36 -31.88 -3.46
CA HIS D 106 -25.39 -30.90 -3.13
C HIS D 106 -25.82 -30.17 -4.39
N THR D 107 -24.86 -29.88 -5.26
CA THR D 107 -25.13 -29.22 -6.53
C THR D 107 -26.07 -30.07 -7.36
N ILE D 108 -25.78 -31.37 -7.41
CA ILE D 108 -26.61 -32.35 -8.12
C ILE D 108 -28.04 -32.39 -7.60
N ASP D 109 -28.19 -32.47 -6.29
CA ASP D 109 -29.51 -32.61 -5.67
C ASP D 109 -30.37 -31.36 -5.80
N LEU D 110 -29.76 -30.18 -5.67
CA LEU D 110 -30.52 -28.93 -5.71
C LEU D 110 -31.07 -28.68 -7.12
N ALA D 111 -30.37 -29.17 -8.12
CA ALA D 111 -30.82 -29.04 -9.50
C ALA D 111 -32.03 -29.92 -9.76
N ASP D 112 -31.97 -31.17 -9.28
CA ASP D 112 -33.08 -32.10 -9.40
C ASP D 112 -34.29 -31.60 -8.62
N SER D 113 -34.02 -30.88 -7.53
CA SER D 113 -35.08 -30.32 -6.71
C SER D 113 -35.89 -29.32 -7.53
N GLU D 114 -35.19 -28.45 -8.25
CA GLU D 114 -35.84 -27.44 -9.06
C GLU D 114 -36.64 -28.04 -10.21
N MET D 115 -36.15 -29.15 -10.75
CA MET D 115 -36.85 -29.84 -11.83
C MET D 115 -38.22 -30.35 -11.38
N ASP D 116 -38.24 -31.03 -10.23
CA ASP D 116 -39.48 -31.57 -9.68
C ASP D 116 -40.43 -30.43 -9.31
N LYS D 117 -39.87 -29.35 -8.75
CA LYS D 117 -40.65 -28.18 -8.38
C LYS D 117 -41.31 -27.57 -9.61
N LEU D 118 -40.60 -27.59 -10.73
CA LEU D 118 -41.12 -27.08 -11.99
C LEU D 118 -42.23 -27.98 -12.51
N TYR D 119 -41.97 -29.29 -12.42
CA TYR D 119 -42.93 -30.30 -12.85
C TYR D 119 -44.21 -30.23 -12.01
N GLU D 120 -44.04 -30.16 -10.70
CA GLU D 120 -45.17 -30.09 -9.78
C GLU D 120 -45.93 -28.78 -9.94
N ARG D 121 -45.23 -27.72 -10.36
CA ARG D 121 -45.84 -26.42 -10.58
C ARG D 121 -46.87 -26.50 -11.70
N VAL D 122 -46.46 -27.04 -12.84
CA VAL D 122 -47.33 -27.18 -14.00
C VAL D 122 -48.49 -28.14 -13.72
N LYS D 123 -48.18 -29.21 -12.99
CA LYS D 123 -49.20 -30.18 -12.57
C LYS D 123 -50.29 -29.48 -11.76
N ARG D 124 -49.89 -28.46 -11.01
CA ARG D 124 -50.81 -27.67 -10.20
C ARG D 124 -51.58 -26.67 -11.06
N GLN D 125 -51.02 -26.32 -12.21
CA GLN D 125 -51.66 -25.40 -13.13
C GLN D 125 -52.80 -26.06 -13.91
N LEU D 126 -52.56 -27.27 -14.38
CA LEU D 126 -53.50 -27.95 -15.28
C LEU D 126 -54.66 -28.58 -14.53
N ARG D 127 -54.55 -28.68 -13.21
CA ARG D 127 -55.61 -29.19 -12.36
C ARG D 127 -56.09 -30.59 -12.79
N GLU D 128 -57.35 -30.68 -13.19
CA GLU D 128 -57.95 -31.97 -13.57
C GLU D 128 -58.04 -32.10 -15.08
N ASN D 129 -57.32 -31.23 -15.80
CA ASN D 129 -57.41 -31.19 -17.25
C ASN D 129 -56.31 -31.96 -17.97
N ALA D 130 -55.45 -32.64 -17.22
CA ALA D 130 -54.36 -33.41 -17.83
C ALA D 130 -53.92 -34.60 -16.98
N GLU D 131 -53.15 -35.49 -17.59
CA GLU D 131 -52.62 -36.66 -16.90
C GLU D 131 -51.12 -36.87 -17.19
N GLU D 132 -50.42 -37.45 -16.23
CA GLU D 132 -48.98 -37.70 -16.36
C GLU D 132 -48.73 -38.96 -17.20
N ASP D 133 -47.83 -38.86 -18.17
CA ASP D 133 -47.55 -39.98 -19.07
C ASP D 133 -46.40 -40.86 -18.57
N GLY D 134 -45.69 -40.39 -17.55
CA GLY D 134 -44.61 -41.16 -16.96
C GLY D 134 -43.25 -40.87 -17.57
N THR D 135 -43.21 -39.94 -18.52
CA THR D 135 -41.94 -39.50 -19.09
C THR D 135 -41.71 -38.04 -18.73
N GLY D 136 -42.46 -37.56 -17.75
CA GLY D 136 -42.34 -36.18 -17.32
C GLY D 136 -43.25 -35.27 -18.11
N CYS D 137 -44.11 -35.86 -18.93
CA CYS D 137 -44.99 -35.10 -19.80
C CYS D 137 -46.45 -35.20 -19.36
N PHE D 138 -47.27 -34.26 -19.81
CA PHE D 138 -48.68 -34.23 -19.46
C PHE D 138 -49.58 -34.40 -20.67
N GLU D 139 -50.44 -35.42 -20.64
CA GLU D 139 -51.41 -35.63 -21.70
C GLU D 139 -52.57 -34.65 -21.55
N ILE D 140 -52.65 -33.68 -22.45
CA ILE D 140 -53.70 -32.67 -22.40
C ILE D 140 -54.94 -33.17 -23.15
N PHE D 141 -56.06 -33.22 -22.45
CA PHE D 141 -57.28 -33.80 -23.01
C PHE D 141 -58.19 -32.74 -23.63
N HIS D 142 -57.59 -31.71 -24.22
CA HIS D 142 -58.35 -30.73 -24.99
C HIS D 142 -57.45 -30.10 -26.05
N LYS D 143 -58.05 -29.28 -26.91
CA LYS D 143 -57.29 -28.60 -27.94
C LYS D 143 -56.51 -27.43 -27.34
N CYS D 144 -55.20 -27.44 -27.55
CA CYS D 144 -54.33 -26.40 -27.05
C CYS D 144 -53.42 -25.87 -28.15
N ASP D 145 -53.80 -24.74 -28.74
CA ASP D 145 -53.03 -24.11 -29.80
C ASP D 145 -51.69 -23.58 -29.26
N ASP D 146 -50.91 -22.93 -30.12
CA ASP D 146 -49.63 -22.37 -29.71
C ASP D 146 -49.83 -21.32 -28.61
N ASP D 147 -50.94 -20.59 -28.69
CA ASP D 147 -51.26 -19.57 -27.68
C ASP D 147 -51.63 -20.21 -26.34
N CYS D 148 -52.35 -21.32 -26.40
CA CYS D 148 -52.75 -22.03 -25.18
C CYS D 148 -51.51 -22.58 -24.47
N MET D 149 -50.56 -23.08 -25.25
CA MET D 149 -49.30 -23.56 -24.71
C MET D 149 -48.56 -22.43 -24.01
N ALA D 150 -48.63 -21.24 -24.62
CA ALA D 150 -47.99 -20.06 -24.07
C ALA D 150 -48.66 -19.64 -22.77
N SER D 151 -49.96 -19.89 -22.65
CA SER D 151 -50.70 -19.53 -21.45
C SER D 151 -50.20 -20.32 -20.25
N ILE D 152 -49.72 -21.52 -20.50
CA ILE D 152 -49.15 -22.37 -19.46
C ILE D 152 -47.75 -21.89 -19.06
N ARG D 153 -46.97 -21.49 -20.07
CA ARG D 153 -45.58 -21.12 -19.86
C ARG D 153 -45.39 -19.86 -19.01
N ASN D 154 -46.36 -18.94 -19.07
CA ASN D 154 -46.29 -17.73 -18.26
C ASN D 154 -47.28 -17.73 -17.10
N ASN D 155 -47.76 -18.93 -16.75
CA ASN D 155 -48.70 -19.11 -15.64
C ASN D 155 -49.95 -18.25 -15.81
N THR D 156 -50.42 -18.12 -17.06
CA THR D 156 -51.63 -17.38 -17.34
C THR D 156 -52.71 -18.35 -17.84
N TYR D 157 -52.49 -19.63 -17.56
CA TYR D 157 -53.44 -20.68 -17.94
C TYR D 157 -54.56 -20.80 -16.93
N ASP D 158 -55.80 -20.67 -17.41
CA ASP D 158 -56.98 -20.82 -16.57
C ASP D 158 -57.57 -22.22 -16.72
N HIS D 159 -57.42 -23.06 -15.71
CA HIS D 159 -57.88 -24.44 -15.79
C HIS D 159 -59.41 -24.49 -15.92
N SER D 160 -60.06 -23.47 -15.39
CA SER D 160 -61.52 -23.37 -15.40
C SER D 160 -62.04 -23.26 -16.82
N LYS D 161 -61.18 -22.79 -17.71
CA LYS D 161 -61.54 -22.54 -19.10
C LYS D 161 -61.78 -23.83 -19.87
N TYR D 162 -60.99 -24.87 -19.59
CA TYR D 162 -61.07 -26.12 -20.33
C TYR D 162 -61.57 -27.33 -19.52
N ARG D 163 -62.04 -27.10 -18.29
CA ARG D 163 -62.36 -28.21 -17.40
C ARG D 163 -63.42 -29.16 -17.95
N GLU D 164 -64.55 -28.60 -18.37
CA GLU D 164 -65.64 -29.40 -18.93
C GLU D 164 -65.15 -30.24 -20.10
N GLU D 165 -64.55 -29.57 -21.08
CA GLU D 165 -64.04 -30.20 -22.29
C GLU D 165 -63.01 -31.28 -22.00
N ALA D 166 -62.14 -31.03 -21.04
CA ALA D 166 -61.07 -31.97 -20.70
C ALA D 166 -61.63 -33.21 -19.99
N MET D 167 -62.51 -32.98 -19.01
CA MET D 167 -63.08 -34.05 -18.21
C MET D 167 -63.84 -35.07 -19.06
N GLN D 168 -64.58 -34.58 -20.05
CA GLN D 168 -65.32 -35.44 -20.96
C GLN D 168 -64.39 -36.38 -21.72
N ASN D 169 -63.31 -35.81 -22.26
CA ASN D 169 -62.34 -36.57 -23.03
C ASN D 169 -61.63 -37.63 -22.18
N ARG D 170 -61.42 -37.31 -20.91
CA ARG D 170 -60.78 -38.24 -19.98
C ARG D 170 -61.70 -39.40 -19.62
N ILE D 171 -62.95 -39.06 -19.35
CA ILE D 171 -63.93 -40.03 -18.84
C ILE D 171 -64.41 -41.00 -19.92
N GLN D 172 -64.59 -40.52 -21.14
CA GLN D 172 -64.98 -41.39 -22.25
C GLN D 172 -64.72 -40.71 -23.60
C1 NAG E . 3.62 3.75 -20.13
C2 NAG E . 4.82 3.88 -21.03
C3 NAG E . 6.02 4.35 -20.23
C4 NAG E . 5.69 5.60 -19.41
C5 NAG E . 4.34 5.49 -18.69
C6 NAG E . 3.84 6.83 -18.20
C7 NAG E . 5.76 2.54 -22.87
C8 NAG E . 5.97 1.16 -23.42
N2 NAG E . 5.11 2.62 -21.71
O3 NAG E . 7.09 4.64 -21.13
O4 NAG E . 6.71 5.76 -18.43
O5 NAG E . 3.32 4.99 -19.58
O6 NAG E . 3.80 7.79 -19.25
O7 NAG E . 6.17 3.54 -23.45
C1 NAG E . 7.35 7.04 -18.53
C2 NAG E . 7.64 7.54 -17.12
C3 NAG E . 8.26 8.92 -17.17
C4 NAG E . 9.51 8.90 -18.05
C5 NAG E . 9.19 8.29 -19.42
C6 NAG E . 10.42 8.09 -20.27
C7 NAG E . 6.42 7.25 -15.01
C8 NAG E . 5.08 7.31 -14.33
N2 NAG E . 6.42 7.56 -16.31
O3 NAG E . 8.57 9.34 -15.84
O4 NAG E . 10.03 10.21 -18.22
O5 NAG E . 8.58 7.01 -19.27
O6 NAG E . 10.90 6.75 -20.18
O7 NAG E . 7.44 6.93 -14.41
C1 BMA E . 11.00 10.47 -17.19
C2 BMA E . 12.43 10.14 -17.66
C3 BMA E . 13.44 10.43 -16.54
C4 BMA E . 13.21 11.84 -15.92
C5 BMA E . 11.75 11.96 -15.47
C6 BMA E . 11.41 13.32 -14.87
O2 BMA E . 12.83 10.95 -18.77
O3 BMA E . 14.79 10.29 -16.98
O4 BMA E . 14.07 12.04 -14.82
O5 BMA E . 10.89 11.76 -16.60
O6 BMA E . 11.29 14.26 -15.94
C1 GAL F . 1.71 19.06 50.71
C2 GAL F . 0.78 17.85 50.54
C3 GAL F . 0.85 17.29 49.12
C4 GAL F . 0.52 18.40 48.11
C5 GAL F . 1.45 19.58 48.36
C6 GAL F . 1.16 20.80 47.48
O2 GAL F . 1.11 16.80 51.44
O3 GAL F . -0.07 16.23 48.92
O4 GAL F . -0.83 18.81 48.25
O5 GAL F . 1.39 20.05 49.72
O6 GAL F . 1.84 21.93 47.98
C1 SIA F . 3.46 21.33 46.24
C2 SIA F . 2.83 22.42 47.05
C3 SIA F . 3.94 23.10 47.83
C4 SIA F . 4.26 24.46 47.25
C5 SIA F . 3.01 25.34 47.28
C6 SIA F . 1.87 24.66 46.53
C7 SIA F . 0.52 24.68 47.28
C8 SIA F . -0.62 24.20 46.39
C9 SIA F . -1.36 25.37 45.76
C10 SIA F . 2.57 27.69 46.71
C11 SIA F . 3.09 28.89 45.97
N5 SIA F . 3.33 26.60 46.63
O1A SIA F . 4.26 20.54 46.79
O1B SIA F . 3.17 21.24 45.01
O4 SIA F . 5.32 25.07 47.98
O6 SIA F . 2.24 23.33 46.10
O7 SIA F . 0.56 23.90 48.48
O8 SIA F . -0.11 23.36 45.35
O9 SIA F . -2.37 24.90 44.88
O10 SIA F . 1.52 27.72 47.32
C1 GAL G . 49.46 -12.67 1.91
C2 GAL G . 49.94 -14.10 2.16
C3 GAL G . 48.77 -15.07 2.05
C4 GAL G . 47.65 -14.67 3.02
C5 GAL G . 47.29 -13.19 2.80
C6 GAL G . 46.34 -12.61 3.85
O2 GAL G . 50.93 -14.50 1.22
O3 GAL G . 49.16 -16.39 2.37
O4 GAL G . 48.05 -14.88 4.36
O5 GAL G . 48.45 -12.33 2.84
O6 GAL G . 46.82 -11.37 4.34
C1 SIA G . 45.13 -10.45 2.84
C2 SIA G . 45.84 -10.33 4.17
C3 SIA G . 46.54 -8.98 4.16
C4 SIA G . 45.86 -8.02 5.11
C5 SIA G . 45.87 -8.60 6.52
C6 SIA G . 45.17 -9.96 6.52
C7 SIA G . 45.90 -11.05 7.31
C8 SIA G . 45.08 -12.34 7.39
C9 SIA G . 44.69 -12.65 8.84
C10 SIA G . 45.25 -7.70 8.74
C11 SIA G . 44.50 -6.61 9.43
N5 SIA G . 45.22 -7.65 7.41
O1A SIA G . 45.78 -10.25 1.79
O1B SIA G . 43.92 -10.74 2.85
O4 SIA G . 46.53 -6.74 5.08
O6 SIA G . 44.83 -10.38 5.19
O7 SIA G . 47.18 -11.34 6.75
O8 SIA G . 43.89 -12.21 6.61
O9 SIA G . 43.95 -13.88 8.88
O10 SIA G . 45.85 -8.57 9.36
C1 NAG H . 3.20 55.87 21.31
C2 NAG H . 2.37 56.57 20.24
C3 NAG H . 2.17 58.04 20.59
C4 NAG H . 1.62 58.18 22.00
C5 NAG H . 2.49 57.40 23.00
C6 NAG H . 1.93 57.39 24.39
C7 NAG H . 4.16 56.84 18.56
C8 NAG H . 4.56 56.59 17.14
N2 NAG H . 2.94 56.41 18.91
O3 NAG H . 1.27 58.63 19.66
O4 NAG H . 1.58 59.55 22.38
O5 NAG H . 2.59 56.03 22.58
O6 NAG H . 2.33 56.23 25.11
O7 NAG H . 4.92 57.40 19.35
C1 NAG I . -13.74 15.35 12.32
C2 NAG I . -14.41 14.97 13.64
C3 NAG I . -13.62 13.86 14.35
C4 NAG I . -13.39 12.69 13.41
C5 NAG I . -12.71 13.18 12.14
C6 NAG I . -12.48 12.09 11.12
C7 NAG I . -15.55 16.29 15.37
C8 NAG I . -15.52 17.55 16.18
N2 NAG I . -14.55 16.13 14.50
O3 NAG I . -14.34 13.42 15.51
O4 NAG I . -12.58 11.70 14.04
O5 NAG I . -13.53 14.18 11.52
O6 NAG I . -12.91 10.82 11.60
O7 NAG I . -16.44 15.46 15.50
#